data_1PH7
#
_entry.id   1PH7
#
_cell.length_a   93.194
_cell.length_b   93.194
_cell.length_c   421.585
_cell.angle_alpha   90.00
_cell.angle_beta   90.00
_cell.angle_gamma   120.00
#
_symmetry.space_group_name_H-M   'P 61 2 2'
#
loop_
_entity.id
_entity.type
_entity.pdbx_description
1 polymer "5'-D(*GP*GP*GP*GP*TP*TP*TP*TP*GP*GP*GP*GP*T)-3'"
2 polymer "5'-D(*GP*GP*GP*GP*TP*TP*TP*TP*GP*IP*GP*G)-3'"
3 polymer 'Telomere-binding protein alpha subunit'
4 polymer 'Telomere-binding protein beta subunit'
5 non-polymer 'SODIUM ION'
6 non-polymer 'CHLORIDE ION'
7 water water
#
loop_
_entity_poly.entity_id
_entity_poly.type
_entity_poly.pdbx_seq_one_letter_code
_entity_poly.pdbx_strand_id
1 'polydeoxyribonucleotide' (DG)(DG)(DG)(DG)(DT)(DT)(DT)(DT)(DG)(DG)(DG)(DG)(DT) G,H
2 'polydeoxyribonucleotide' (DG)(DG)(DG)(DT)(DT)(DT)(DT)(DG)(DI)(DG)(DG) D
3 'polypeptide(L)'
;YEYVELAKASLTSAQPQHFYAVVIDATFPYKTNQERYICSLKIVDPTLYLKQQKGAGDASDYATLVLYAKRFEDLPIIHR
AGDIIRVHRATLRLYNGQRQFNANVFYSSSWALFSTDKRSVTQEINNQDAVSDTTPFSFSSKHATIEKNEISILQNLRKW
ANQYFSSYSVISSDMYTALNKAQAQKGDFDVVAKILQVHELDEYTNELKLKDASGQVFYTLSLKLKFPHVRTGEVVRIRS
ATYDETSTQKKVLILSHYSNIITFIQSSKLAKELRAKIQDDHSVEVASLKKNVSLNAVVLTEVDKKHAALPSTSLQDLFH
HADSDKELQAQDTFRTQFYVTKIEPSDVKEWVKGYDRKTKKSSSLKGASGKGDNIFQVQFLVKDASTQLNNNTYRVLLYT
QDGLGANFFNVKADNLHKNADARKKLEDSAELLTKFNSYVDAVVERRNGFYLIKDTKLIY
;
A
4 'polypeptide(L)'
;QQQSAFKQLYTELFNNEGDFSKVSSNLKKPLKCYVKESYPHFLVTDGYFFVAPYFTKEAVNEFHAKFPNVNIVDLTDKVI
VINNWSLELRRVNSAEVFTSYANLEARLIVHSFKPNLQERLNPTRYPVNLFRDDEFKTTIQHFRHTALQAAINKTVKGDN
LVDISKVADAAGKKGKVDAGIVKASASKGDEFSDFSFKEGNTATLKIADIFVQEKG
;
B
#
# COMPACT_ATOMS: atom_id res chain seq x y z
N TYR D 1 -40.61 -9.86 15.82
CA TYR D 1 -39.47 -8.92 16.07
C TYR D 1 -39.89 -7.47 16.19
N GLU D 2 -39.55 -6.84 17.31
CA GLU D 2 -39.89 -5.43 17.54
C GLU D 2 -38.63 -4.62 17.40
N TYR D 3 -38.71 -3.46 16.75
CA TYR D 3 -37.53 -2.63 16.56
C TYR D 3 -37.59 -1.34 17.35
N VAL D 4 -36.65 -1.18 18.29
CA VAL D 4 -36.60 0.00 19.14
C VAL D 4 -35.55 0.99 18.66
N GLU D 5 -35.81 2.27 18.86
CA GLU D 5 -34.87 3.32 18.49
C GLU D 5 -33.80 3.45 19.56
N LEU D 6 -32.58 3.76 19.13
CA LEU D 6 -31.43 3.89 20.02
C LEU D 6 -31.67 4.64 21.33
N ALA D 7 -32.41 5.75 21.26
CA ALA D 7 -32.66 6.56 22.47
C ALA D 7 -33.81 6.06 23.32
N LYS D 8 -34.66 5.22 22.74
CA LYS D 8 -35.80 4.68 23.46
C LYS D 8 -35.60 3.26 24.00
N ALA D 9 -34.45 2.68 23.71
CA ALA D 9 -34.14 1.33 24.19
C ALA D 9 -34.01 1.36 25.72
N SER D 10 -34.40 0.28 26.38
CA SER D 10 -34.34 0.22 27.83
C SER D 10 -32.97 -0.04 28.36
N LEU D 11 -32.68 0.56 29.51
CA LEU D 11 -31.40 0.42 30.19
C LEU D 11 -31.52 -0.50 31.39
N THR D 12 -32.73 -0.61 31.94
CA THR D 12 -32.99 -1.43 33.12
C THR D 12 -33.50 -2.81 32.81
N SER D 13 -34.06 -2.98 31.61
CA SER D 13 -34.61 -4.27 31.23
C SER D 13 -33.53 -5.34 31.07
N ALA D 14 -32.39 -4.94 30.51
CA ALA D 14 -31.28 -5.87 30.27
C ALA D 14 -31.78 -7.05 29.40
N GLN D 15 -32.91 -6.84 28.72
CA GLN D 15 -33.51 -7.84 27.85
C GLN D 15 -33.05 -7.61 26.42
N PRO D 16 -33.04 -8.67 25.61
CA PRO D 16 -32.61 -8.58 24.21
C PRO D 16 -33.48 -7.62 23.41
N GLN D 17 -32.87 -6.58 22.85
CA GLN D 17 -33.59 -5.60 22.06
C GLN D 17 -33.06 -5.60 20.62
N HIS D 18 -33.88 -5.19 19.68
CA HIS D 18 -33.51 -5.21 18.28
C HIS D 18 -33.67 -3.82 17.71
N PHE D 19 -32.84 -3.48 16.72
CA PHE D 19 -32.91 -2.16 16.12
C PHE D 19 -32.26 -2.03 14.75
N TYR D 20 -32.49 -0.87 14.12
CA TYR D 20 -31.93 -0.52 12.82
C TYR D 20 -31.09 0.71 13.11
N ALA D 21 -30.03 0.95 12.34
CA ALA D 21 -29.20 2.13 12.59
C ALA D 21 -28.23 2.41 11.46
N VAL D 22 -27.64 3.59 11.47
CA VAL D 22 -26.69 3.98 10.45
C VAL D 22 -25.29 3.93 11.05
N VAL D 23 -24.37 3.27 10.36
CA VAL D 23 -23.00 3.15 10.84
C VAL D 23 -22.20 4.36 10.38
N ILE D 24 -21.61 5.07 11.34
CA ILE D 24 -20.82 6.24 11.02
C ILE D 24 -19.35 6.01 11.33
N ASP D 25 -19.06 4.89 11.98
CA ASP D 25 -17.66 4.57 12.33
C ASP D 25 -17.58 3.14 12.88
N ALA D 26 -16.45 2.49 12.67
CA ALA D 26 -16.29 1.13 13.16
C ALA D 26 -14.87 0.64 13.00
N THR D 27 -14.39 -0.12 13.97
CA THR D 27 -13.07 -0.71 13.91
C THR D 27 -13.17 -1.86 12.91
N PHE D 28 -12.04 -2.42 12.53
CA PHE D 28 -12.06 -3.56 11.62
C PHE D 28 -12.18 -4.80 12.54
N PRO D 29 -12.87 -5.84 12.08
CA PRO D 29 -12.99 -7.02 12.94
C PRO D 29 -11.61 -7.54 13.29
N TYR D 30 -11.27 -7.56 14.58
CA TYR D 30 -9.96 -8.02 14.97
C TYR D 30 -9.98 -9.14 15.99
N LYS D 31 -8.84 -9.82 16.14
CA LYS D 31 -8.70 -10.94 17.07
C LYS D 31 -8.04 -10.44 18.34
N THR D 32 -8.57 -10.87 19.49
CA THR D 32 -8.04 -10.47 20.80
C THR D 32 -7.29 -11.60 21.50
N ASN D 33 -7.62 -12.84 21.14
CA ASN D 33 -6.98 -14.00 21.71
C ASN D 33 -7.21 -15.24 20.84
N GLN D 34 -7.05 -16.42 21.41
CA GLN D 34 -7.18 -17.67 20.68
C GLN D 34 -8.62 -18.12 20.54
N GLU D 35 -9.57 -17.19 20.52
CA GLU D 35 -10.96 -17.61 20.37
C GLU D 35 -11.98 -16.48 20.19
N ARG D 36 -11.54 -15.22 20.27
CA ARG D 36 -12.50 -14.11 20.14
C ARG D 36 -12.09 -12.97 19.24
N TYR D 37 -13.02 -12.58 18.37
CA TYR D 37 -12.84 -11.48 17.44
C TYR D 37 -13.85 -10.39 17.84
N ILE D 38 -13.48 -9.13 17.67
CA ILE D 38 -14.39 -8.05 18.02
C ILE D 38 -14.50 -7.00 16.91
N CYS D 39 -15.60 -6.27 16.93
CA CYS D 39 -15.84 -5.18 16.02
C CYS D 39 -16.73 -4.17 16.73
N SER D 40 -16.18 -2.99 17.03
CA SER D 40 -17.00 -1.96 17.67
C SER D 40 -17.34 -0.83 16.68
N LEU D 41 -18.60 -0.42 16.68
CA LEU D 41 -19.01 0.63 15.76
C LEU D 41 -19.87 1.69 16.42
N LYS D 42 -19.90 2.87 15.81
CA LYS D 42 -20.69 3.99 16.31
C LYS D 42 -21.94 4.08 15.44
N ILE D 43 -23.11 3.92 16.08
CA ILE D 43 -24.36 3.97 15.35
C ILE D 43 -25.23 5.14 15.74
N VAL D 44 -26.09 5.55 14.82
CA VAL D 44 -27.02 6.64 15.06
C VAL D 44 -28.39 6.37 14.45
N ASP D 45 -29.35 7.24 14.76
CA ASP D 45 -30.70 7.14 14.20
C ASP D 45 -31.42 8.45 14.48
N PRO D 46 -32.64 8.65 13.92
CA PRO D 46 -33.42 9.87 14.12
C PRO D 46 -33.56 10.38 15.57
N THR D 47 -33.35 9.51 16.56
CA THR D 47 -33.50 9.90 17.95
C THR D 47 -32.20 9.92 18.72
N LEU D 48 -31.07 9.88 18.01
CA LEU D 48 -29.74 9.88 18.66
C LEU D 48 -28.65 10.12 17.60
N TYR D 49 -28.25 11.38 17.41
CA TYR D 49 -27.26 11.72 16.42
C TYR D 49 -26.58 13.06 16.63
N LEU D 50 -27.18 13.91 17.48
CA LEU D 50 -26.60 15.23 17.72
C LEU D 50 -26.55 15.57 19.21
N LYS D 51 -25.54 16.37 19.61
CA LYS D 51 -25.41 16.76 21.00
C LYS D 51 -26.04 18.14 21.27
N GLN D 52 -26.22 18.46 22.56
CA GLN D 52 -26.80 19.75 22.97
C GLN D 52 -26.17 20.92 22.21
N GLN D 53 -26.75 21.24 21.05
CA GLN D 53 -26.27 22.31 20.19
C GLN D 53 -26.51 23.74 20.66
N LYS D 54 -25.56 24.24 21.44
CA LYS D 54 -25.56 25.59 21.98
C LYS D 54 -24.11 25.85 22.26
N GLY D 55 -23.52 24.94 23.03
CA GLY D 55 -22.11 25.02 23.37
C GLY D 55 -21.47 23.73 22.90
N ALA D 56 -22.09 23.10 21.89
CA ALA D 56 -21.61 21.85 21.33
C ALA D 56 -20.95 22.05 19.98
N GLY D 57 -21.22 23.21 19.35
CA GLY D 57 -20.64 23.51 18.05
C GLY D 57 -21.01 22.47 17.00
N ASP D 58 -22.21 21.89 17.15
CA ASP D 58 -22.70 20.88 16.22
C ASP D 58 -21.86 19.58 16.27
N ALA D 59 -21.77 19.00 17.47
CA ALA D 59 -21.01 17.78 17.68
C ALA D 59 -21.99 16.62 17.54
N SER D 60 -21.49 15.50 17.03
CA SER D 60 -22.33 14.31 16.82
C SER D 60 -22.51 13.51 18.10
N ASP D 61 -23.72 12.99 18.30
CA ASP D 61 -24.03 12.15 19.46
C ASP D 61 -24.30 10.77 18.86
N TYR D 62 -23.92 9.70 19.57
CA TYR D 62 -24.11 8.37 19.04
C TYR D 62 -24.16 7.30 20.08
N ALA D 63 -24.41 6.07 19.63
CA ALA D 63 -24.44 4.92 20.51
C ALA D 63 -23.28 4.02 20.06
N THR D 64 -22.86 3.08 20.90
CA THR D 64 -21.79 2.18 20.50
C THR D 64 -22.26 0.75 20.47
N LEU D 65 -21.98 0.08 19.36
CA LEU D 65 -22.33 -1.33 19.17
C LEU D 65 -21.06 -2.20 19.18
N VAL D 66 -21.00 -3.13 20.12
CA VAL D 66 -19.87 -4.01 20.21
C VAL D 66 -20.33 -5.43 19.91
N LEU D 67 -19.84 -5.96 18.80
CA LEU D 67 -20.19 -7.31 18.38
C LEU D 67 -19.08 -8.29 18.70
N TYR D 68 -19.39 -9.31 19.50
CA TYR D 68 -18.40 -10.31 19.87
C TYR D 68 -18.66 -11.58 19.09
N ALA D 69 -17.57 -12.24 18.69
CA ALA D 69 -17.69 -13.47 17.91
C ALA D 69 -16.47 -14.38 18.12
N LYS D 70 -16.56 -15.61 17.63
CA LYS D 70 -15.46 -16.55 17.75
C LYS D 70 -14.81 -16.80 16.40
N ARG D 71 -15.31 -16.13 15.38
CA ARG D 71 -14.78 -16.28 14.03
C ARG D 71 -14.80 -14.94 13.28
N PHE D 72 -13.71 -14.64 12.59
CA PHE D 72 -13.59 -13.40 11.83
C PHE D 72 -14.78 -13.21 10.90
N GLU D 73 -15.10 -14.26 10.14
CA GLU D 73 -16.20 -14.20 9.19
C GLU D 73 -17.58 -13.96 9.79
N ASP D 74 -17.68 -13.86 11.11
CA ASP D 74 -18.98 -13.59 11.74
C ASP D 74 -19.20 -12.11 12.09
N LEU D 75 -18.22 -11.28 11.76
CA LEU D 75 -18.31 -9.86 12.07
C LEU D 75 -18.38 -9.05 10.78
N PRO D 76 -19.06 -7.90 10.83
CA PRO D 76 -19.23 -6.99 9.69
C PRO D 76 -18.03 -6.13 9.34
N ILE D 77 -17.64 -6.18 8.06
CA ILE D 77 -16.53 -5.37 7.59
C ILE D 77 -17.12 -4.04 7.09
N ILE D 78 -16.90 -2.97 7.86
CA ILE D 78 -17.44 -1.66 7.51
C ILE D 78 -16.45 -0.88 6.65
N HIS D 79 -16.71 -0.83 5.34
CA HIS D 79 -15.87 -0.09 4.42
C HIS D 79 -16.32 1.37 4.26
N ARG D 80 -17.63 1.58 4.34
CA ARG D 80 -18.20 2.90 4.13
C ARG D 80 -19.14 3.35 5.22
N ALA D 81 -19.05 4.63 5.57
CA ALA D 81 -19.92 5.22 6.59
C ALA D 81 -21.22 5.71 5.94
N GLY D 82 -22.34 5.50 6.62
CA GLY D 82 -23.61 5.90 6.07
C GLY D 82 -24.53 4.74 5.82
N ASP D 83 -23.98 3.55 5.64
CA ASP D 83 -24.79 2.36 5.39
C ASP D 83 -25.57 2.00 6.66
N ILE D 84 -26.54 1.08 6.52
CA ILE D 84 -27.38 0.69 7.63
C ILE D 84 -27.09 -0.72 8.13
N ILE D 85 -27.23 -0.92 9.44
CA ILE D 85 -27.04 -2.22 10.06
C ILE D 85 -28.27 -2.60 10.88
N ARG D 86 -28.71 -3.86 10.75
CA ARG D 86 -29.86 -4.36 11.49
C ARG D 86 -29.33 -5.38 12.49
N VAL D 87 -29.57 -5.14 13.78
CA VAL D 87 -29.10 -6.03 14.84
C VAL D 87 -30.24 -6.72 15.56
N HIS D 88 -30.05 -8.01 15.85
CA HIS D 88 -31.04 -8.82 16.55
C HIS D 88 -30.48 -9.32 17.86
N ARG D 89 -31.22 -9.12 18.94
CA ARG D 89 -30.83 -9.61 20.26
C ARG D 89 -29.57 -8.95 20.84
N ALA D 90 -29.66 -7.65 21.09
CA ALA D 90 -28.56 -6.90 21.65
C ALA D 90 -28.91 -6.49 23.07
N THR D 91 -27.93 -6.51 23.97
CA THR D 91 -28.17 -6.11 25.35
C THR D 91 -27.55 -4.71 25.55
N LEU D 92 -28.38 -3.77 25.97
CA LEU D 92 -27.96 -2.40 26.17
C LEU D 92 -27.58 -2.09 27.61
N ARG D 93 -26.54 -1.29 27.76
CA ARG D 93 -26.10 -0.88 29.08
C ARG D 93 -25.31 0.40 28.94
N LEU D 94 -25.22 1.16 30.03
CA LEU D 94 -24.48 2.42 30.04
C LEU D 94 -23.01 2.20 30.30
N TYR D 95 -22.18 2.56 29.33
CA TYR D 95 -20.72 2.40 29.48
C TYR D 95 -20.07 3.76 29.46
N ASN D 96 -19.65 4.22 30.64
CA ASN D 96 -19.02 5.52 30.77
C ASN D 96 -19.81 6.66 30.16
N GLY D 97 -21.10 6.67 30.43
CA GLY D 97 -21.94 7.74 29.95
C GLY D 97 -22.73 7.52 28.68
N GLN D 98 -22.29 6.57 27.83
CA GLN D 98 -23.02 6.38 26.57
C GLN D 98 -23.67 5.03 26.42
N ARG D 99 -24.76 5.02 25.66
CA ARG D 99 -25.52 3.81 25.41
C ARG D 99 -24.69 2.81 24.62
N GLN D 100 -24.33 1.70 25.26
CA GLN D 100 -23.52 0.65 24.63
C GLN D 100 -24.30 -0.63 24.38
N PHE D 101 -24.62 -0.91 23.12
CA PHE D 101 -25.33 -2.13 22.77
C PHE D 101 -24.31 -3.25 22.56
N ASN D 102 -24.46 -4.34 23.30
CA ASN D 102 -23.57 -5.48 23.19
C ASN D 102 -24.30 -6.67 22.55
N ALA D 103 -23.62 -7.35 21.63
CA ALA D 103 -24.21 -8.49 20.96
C ALA D 103 -23.24 -9.66 20.85
N ASN D 104 -23.59 -10.79 21.47
CA ASN D 104 -22.73 -11.98 21.40
C ASN D 104 -23.12 -12.81 20.18
N VAL D 105 -22.56 -12.45 19.04
CA VAL D 105 -22.83 -13.14 17.79
C VAL D 105 -22.53 -14.63 17.91
N PHE D 106 -21.57 -14.96 18.77
CA PHE D 106 -21.20 -16.35 18.96
C PHE D 106 -22.23 -17.11 19.79
N TYR D 107 -23.46 -16.57 19.87
CA TYR D 107 -24.51 -17.22 20.63
C TYR D 107 -25.85 -17.14 19.95
N SER D 108 -26.57 -16.02 20.14
CA SER D 108 -27.88 -15.88 19.53
C SER D 108 -28.09 -14.56 18.75
N SER D 109 -27.16 -13.62 18.90
CA SER D 109 -27.28 -12.33 18.22
C SER D 109 -26.93 -12.43 16.75
N SER D 110 -27.34 -11.42 15.99
CA SER D 110 -27.07 -11.42 14.55
C SER D 110 -27.14 -10.00 13.99
N TRP D 111 -26.46 -9.77 12.87
CA TRP D 111 -26.47 -8.47 12.24
C TRP D 111 -26.67 -8.59 10.74
N ALA D 112 -26.98 -7.47 10.10
CA ALA D 112 -27.20 -7.42 8.67
C ALA D 112 -26.90 -6.00 8.16
N LEU D 113 -26.19 -5.90 7.05
CA LEU D 113 -25.85 -4.61 6.48
C LEU D 113 -26.68 -4.29 5.25
N PHE D 114 -27.14 -3.04 5.17
CA PHE D 114 -27.94 -2.59 4.03
C PHE D 114 -27.29 -1.34 3.43
N SER D 115 -27.09 -1.38 2.12
CA SER D 115 -26.47 -0.28 1.42
C SER D 115 -27.39 0.95 1.33
N THR D 116 -26.93 2.08 1.86
CA THR D 116 -27.72 3.29 1.78
C THR D 116 -27.75 3.76 0.34
N ASP D 117 -26.61 3.66 -0.34
CA ASP D 117 -26.52 4.04 -1.75
C ASP D 117 -27.01 2.90 -2.60
N LYS D 118 -27.14 3.14 -3.90
CA LYS D 118 -27.62 2.12 -4.82
C LYS D 118 -26.83 0.83 -4.68
N ARG D 119 -25.51 0.95 -4.69
CA ARG D 119 -24.66 -0.22 -4.59
C ARG D 119 -23.79 -0.17 -3.32
N SER D 120 -23.44 -1.35 -2.81
CA SER D 120 -22.57 -1.42 -1.65
C SER D 120 -21.15 -1.23 -2.18
N VAL D 121 -20.22 -0.86 -1.29
CA VAL D 121 -18.85 -0.68 -1.71
C VAL D 121 -18.37 -1.80 -2.62
N THR D 122 -18.55 -3.04 -2.16
CA THR D 122 -18.12 -4.21 -2.93
C THR D 122 -18.73 -4.20 -4.34
N GLN D 123 -20.05 -4.13 -4.40
CA GLN D 123 -20.76 -4.10 -5.68
C GLN D 123 -20.23 -2.98 -6.56
N GLU D 124 -19.85 -1.86 -5.95
CA GLU D 124 -19.32 -0.74 -6.72
C GLU D 124 -18.00 -1.16 -7.33
N ILE D 125 -17.18 -1.85 -6.56
CA ILE D 125 -15.88 -2.31 -7.02
C ILE D 125 -16.02 -3.31 -8.13
N ASN D 126 -16.98 -4.22 -8.01
CA ASN D 126 -17.17 -5.25 -9.03
C ASN D 126 -18.16 -4.83 -10.12
N ASN D 127 -18.68 -3.63 -10.00
CA ASN D 127 -19.63 -3.12 -10.98
C ASN D 127 -20.91 -3.94 -10.98
N GLN D 128 -21.21 -4.55 -9.84
CA GLN D 128 -22.41 -5.35 -9.67
C GLN D 128 -23.60 -4.47 -9.28
N ASP D 129 -24.81 -4.92 -9.62
CA ASP D 129 -26.04 -4.21 -9.26
C ASP D 129 -26.65 -4.92 -8.06
N ALA D 130 -27.28 -4.17 -7.17
CA ALA D 130 -27.91 -4.76 -5.99
C ALA D 130 -29.07 -5.64 -6.40
N VAL D 131 -29.26 -6.74 -5.67
CA VAL D 131 -30.36 -7.66 -5.97
C VAL D 131 -31.70 -6.94 -5.86
N SER D 132 -31.79 -6.04 -4.88
CA SER D 132 -32.98 -5.25 -4.62
C SER D 132 -32.68 -4.29 -3.49
N ASP D 133 -33.57 -3.33 -3.27
CA ASP D 133 -33.35 -2.34 -2.22
C ASP D 133 -33.77 -2.85 -0.88
N THR D 134 -33.92 -4.17 -0.76
CA THR D 134 -34.32 -4.78 0.50
C THR D 134 -33.45 -5.98 0.82
N THR D 135 -32.41 -6.17 0.01
CA THR D 135 -31.47 -7.28 0.21
C THR D 135 -30.19 -6.84 0.92
N PRO D 136 -29.82 -7.51 2.02
CA PRO D 136 -28.62 -7.16 2.77
C PRO D 136 -27.40 -7.56 1.95
N PHE D 137 -26.39 -6.70 1.90
CA PHE D 137 -25.21 -7.05 1.11
C PHE D 137 -24.25 -7.89 1.92
N SER D 138 -24.62 -8.15 3.17
CA SER D 138 -23.82 -8.95 4.09
C SER D 138 -24.59 -9.18 5.39
N PHE D 139 -24.51 -10.39 5.93
CA PHE D 139 -25.21 -10.71 7.16
C PHE D 139 -24.60 -11.89 7.88
N SER D 140 -24.75 -11.92 9.21
CA SER D 140 -24.23 -13.03 10.00
C SER D 140 -25.13 -14.24 9.87
N SER D 141 -24.62 -15.42 10.24
CA SER D 141 -25.35 -16.68 10.14
C SER D 141 -25.64 -17.05 8.68
N LYS D 142 -26.27 -18.21 8.47
CA LYS D 142 -26.58 -18.67 7.12
C LYS D 142 -27.82 -18.05 6.50
N HIS D 143 -28.69 -17.49 7.33
CA HIS D 143 -29.92 -16.89 6.81
C HIS D 143 -30.24 -15.52 7.39
N ALA D 144 -31.01 -14.76 6.63
CA ALA D 144 -31.46 -13.42 7.02
C ALA D 144 -32.86 -13.23 6.44
N THR D 145 -33.77 -12.71 7.26
CA THR D 145 -35.15 -12.50 6.80
C THR D 145 -35.60 -11.06 6.92
N ILE D 146 -36.14 -10.53 5.84
CA ILE D 146 -36.63 -9.15 5.83
C ILE D 146 -38.15 -9.19 5.71
N GLU D 147 -38.83 -9.12 6.85
CA GLU D 147 -40.29 -9.14 6.88
C GLU D 147 -40.86 -7.95 6.14
N LYS D 148 -42.04 -8.12 5.56
CA LYS D 148 -42.70 -7.04 4.80
C LYS D 148 -42.88 -5.73 5.59
N ASN D 149 -43.12 -5.86 6.89
CA ASN D 149 -43.34 -4.68 7.72
C ASN D 149 -42.04 -3.91 7.99
N GLU D 150 -40.91 -4.45 7.55
CA GLU D 150 -39.62 -3.79 7.76
C GLU D 150 -39.29 -2.83 6.63
N ILE D 151 -39.64 -3.21 5.40
CA ILE D 151 -39.35 -2.38 4.24
C ILE D 151 -39.51 -0.89 4.50
N SER D 152 -40.45 -0.53 5.36
CA SER D 152 -40.67 0.88 5.69
C SER D 152 -39.55 1.44 6.57
N ILE D 153 -39.21 0.71 7.62
CA ILE D 153 -38.15 1.13 8.53
C ILE D 153 -36.84 1.32 7.75
N LEU D 154 -36.55 0.40 6.87
CA LEU D 154 -35.33 0.43 6.07
C LEU D 154 -35.35 1.61 5.10
N GLN D 155 -36.46 1.76 4.38
CA GLN D 155 -36.58 2.84 3.41
C GLN D 155 -36.54 4.21 4.06
N ASN D 156 -37.29 4.36 5.15
CA ASN D 156 -37.30 5.62 5.85
C ASN D 156 -35.94 5.99 6.41
N LEU D 157 -35.33 5.08 7.17
CA LEU D 157 -34.01 5.33 7.75
C LEU D 157 -32.99 5.61 6.66
N ARG D 158 -33.17 4.96 5.51
CA ARG D 158 -32.26 5.16 4.38
C ARG D 158 -32.36 6.63 3.93
N LYS D 159 -33.59 7.16 3.94
CA LYS D 159 -33.80 8.54 3.53
C LYS D 159 -33.22 9.48 4.59
N TRP D 160 -33.48 9.15 5.85
CA TRP D 160 -32.98 9.94 6.96
C TRP D 160 -31.46 10.09 6.89
N ALA D 161 -30.78 9.00 6.55
CA ALA D 161 -29.33 8.98 6.43
C ALA D 161 -28.87 10.05 5.45
N ASN D 162 -29.38 10.02 4.22
CA ASN D 162 -28.97 11.00 3.22
C ASN D 162 -29.18 12.44 3.71
N GLN D 163 -30.39 12.74 4.15
CA GLN D 163 -30.68 14.07 4.67
C GLN D 163 -29.68 14.42 5.75
N TYR D 164 -29.43 13.42 6.60
CA TYR D 164 -28.48 13.58 7.71
C TYR D 164 -27.05 13.85 7.25
N PHE D 165 -26.49 12.95 6.45
CA PHE D 165 -25.14 13.10 5.98
C PHE D 165 -24.93 14.34 5.13
N SER D 166 -26.01 14.82 4.52
CA SER D 166 -25.89 16.00 3.67
C SER D 166 -26.06 17.31 4.46
N SER D 167 -26.73 17.25 5.59
CA SER D 167 -26.97 18.42 6.42
C SER D 167 -25.90 18.62 7.49
N TYR D 168 -25.22 17.54 7.86
CA TYR D 168 -24.19 17.60 8.90
C TYR D 168 -22.91 16.92 8.46
N SER D 169 -21.86 17.09 9.25
CA SER D 169 -20.58 16.48 8.97
C SER D 169 -20.60 14.99 9.30
N VAL D 170 -21.39 14.64 10.30
CA VAL D 170 -21.49 13.27 10.80
C VAL D 170 -20.19 12.93 11.53
N ILE D 171 -19.07 13.23 10.90
CA ILE D 171 -17.77 12.97 11.52
C ILE D 171 -17.27 14.33 11.92
N SER D 172 -17.74 14.80 13.05
CA SER D 172 -17.39 16.12 13.56
C SER D 172 -15.89 16.26 13.86
N SER D 173 -15.46 17.50 14.06
CA SER D 173 -14.08 17.83 14.34
C SER D 173 -13.51 17.19 15.59
N ASP D 174 -14.38 16.80 16.51
CA ASP D 174 -13.92 16.18 17.75
C ASP D 174 -13.67 14.69 17.59
N MET D 175 -13.93 14.18 16.39
CA MET D 175 -13.74 12.77 16.11
C MET D 175 -12.45 12.42 15.39
N TYR D 176 -11.69 13.44 15.01
CA TYR D 176 -10.41 13.19 14.33
C TYR D 176 -9.36 14.26 14.64
N THR D 177 -8.09 13.96 14.33
CA THR D 177 -7.01 14.89 14.62
C THR D 177 -6.44 15.47 13.34
N ALA D 178 -5.95 16.70 13.42
CA ALA D 178 -5.36 17.38 12.26
C ALA D 178 -3.97 16.79 12.01
N LEU D 179 -3.68 16.48 10.75
CA LEU D 179 -2.42 15.87 10.41
C LEU D 179 -1.19 16.67 10.80
N ASN D 180 -1.32 17.98 10.85
CA ASN D 180 -0.19 18.83 11.22
C ASN D 180 0.03 18.85 12.74
N LYS D 181 -0.78 18.08 13.46
CA LYS D 181 -0.70 18.00 14.90
C LYS D 181 -0.54 16.56 15.31
N ALA D 182 -0.58 15.67 14.31
CA ALA D 182 -0.47 14.25 14.56
C ALA D 182 0.73 13.87 15.43
N GLN D 183 1.81 14.62 15.30
CA GLN D 183 3.03 14.36 16.05
C GLN D 183 2.88 14.72 17.53
N ALA D 184 1.88 15.53 17.83
CA ALA D 184 1.66 15.94 19.22
C ALA D 184 0.84 14.89 20.02
N GLN D 185 0.19 13.97 19.33
CA GLN D 185 -0.63 12.97 19.98
C GLN D 185 0.20 12.00 20.79
N LYS D 186 -0.37 11.58 21.92
CA LYS D 186 0.27 10.67 22.86
C LYS D 186 0.20 9.24 22.35
N GLY D 187 -0.92 8.89 21.75
CA GLY D 187 -1.11 7.56 21.20
C GLY D 187 -1.77 7.59 19.84
N ASP D 188 -2.70 6.66 19.58
CA ASP D 188 -3.36 6.61 18.28
C ASP D 188 -4.40 7.71 18.17
N PHE D 189 -4.75 8.06 16.93
CA PHE D 189 -5.72 9.11 16.67
C PHE D 189 -6.48 8.78 15.38
N ASP D 190 -7.47 9.60 15.03
CA ASP D 190 -8.26 9.37 13.82
C ASP D 190 -7.97 10.45 12.79
N VAL D 191 -8.08 10.08 11.52
CA VAL D 191 -7.79 11.02 10.42
C VAL D 191 -8.93 11.08 9.40
N VAL D 192 -9.05 12.23 8.77
CA VAL D 192 -10.05 12.43 7.73
C VAL D 192 -9.37 13.24 6.65
N ALA D 193 -8.96 12.57 5.59
CA ALA D 193 -8.24 13.23 4.51
C ALA D 193 -8.62 12.71 3.12
N LYS D 194 -8.01 13.31 2.11
CA LYS D 194 -8.24 12.94 0.73
C LYS D 194 -7.10 12.05 0.27
N ILE D 195 -7.44 11.06 -0.55
CA ILE D 195 -6.41 10.16 -1.08
C ILE D 195 -5.85 10.78 -2.35
N LEU D 196 -4.73 11.49 -2.21
CA LEU D 196 -4.08 12.12 -3.35
C LEU D 196 -3.47 11.11 -4.32
N GLN D 197 -2.97 9.99 -3.80
CA GLN D 197 -2.33 8.98 -4.62
C GLN D 197 -2.37 7.58 -4.02
N VAL D 198 -2.57 6.59 -4.86
CA VAL D 198 -2.57 5.20 -4.46
C VAL D 198 -1.42 4.52 -5.19
N HIS D 199 -0.31 4.34 -4.50
CA HIS D 199 0.87 3.73 -5.09
C HIS D 199 0.99 2.25 -4.71
N GLU D 200 1.08 1.40 -5.72
CA GLU D 200 1.24 -0.03 -5.53
C GLU D 200 2.68 -0.33 -5.13
N LEU D 201 2.91 -0.45 -3.84
CA LEU D 201 4.26 -0.72 -3.33
C LEU D 201 4.71 -2.11 -3.74
N ASP D 202 3.85 -3.10 -3.58
CA ASP D 202 4.19 -4.45 -3.95
C ASP D 202 2.97 -5.34 -4.18
N GLU D 203 3.20 -6.63 -4.36
CA GLU D 203 2.15 -7.58 -4.64
C GLU D 203 0.94 -7.46 -3.71
N TYR D 204 1.16 -7.10 -2.44
CA TYR D 204 0.05 -7.02 -1.49
C TYR D 204 -0.06 -5.74 -0.70
N THR D 205 0.59 -4.67 -1.15
CA THR D 205 0.53 -3.43 -0.38
C THR D 205 0.36 -2.15 -1.19
N ASN D 206 -0.56 -1.29 -0.74
CA ASN D 206 -0.80 -0.01 -1.38
C ASN D 206 -0.25 1.03 -0.42
N GLU D 207 0.28 2.12 -0.96
CA GLU D 207 0.77 3.21 -0.12
C GLU D 207 -0.07 4.44 -0.46
N LEU D 208 -0.93 4.81 0.48
CA LEU D 208 -1.80 5.93 0.29
C LEU D 208 -1.09 7.25 0.51
N LYS D 209 -1.36 8.24 -0.33
CA LYS D 209 -0.78 9.57 -0.17
C LYS D 209 -1.94 10.41 0.35
N LEU D 210 -1.95 10.68 1.65
CA LEU D 210 -3.03 11.44 2.26
C LEU D 210 -2.73 12.93 2.42
N LYS D 211 -3.79 13.72 2.45
CA LYS D 211 -3.70 15.15 2.66
C LYS D 211 -5.07 15.60 3.18
N ASP D 212 -5.12 16.19 4.37
CA ASP D 212 -6.35 16.64 4.96
C ASP D 212 -6.52 18.15 4.89
N ALA D 213 -7.47 18.68 5.65
CA ALA D 213 -7.79 20.10 5.67
C ALA D 213 -6.70 20.97 6.22
N SER D 214 -5.75 20.38 6.94
CA SER D 214 -4.66 21.16 7.51
C SER D 214 -3.56 21.40 6.51
N GLY D 215 -3.63 20.70 5.37
CA GLY D 215 -2.63 20.83 4.33
C GLY D 215 -1.47 19.86 4.43
N GLN D 216 -1.28 19.23 5.60
CA GLN D 216 -0.19 18.26 5.79
C GLN D 216 -0.37 17.02 4.90
N VAL D 217 0.76 16.45 4.50
CA VAL D 217 0.75 15.26 3.66
C VAL D 217 1.43 14.11 4.39
N PHE D 218 0.72 13.01 4.52
CA PHE D 218 1.26 11.82 5.19
C PHE D 218 1.11 10.62 4.27
N TYR D 219 1.88 9.57 4.56
CA TYR D 219 1.81 8.33 3.80
C TYR D 219 1.47 7.22 4.78
N THR D 220 0.89 6.14 4.27
CA THR D 220 0.55 5.01 5.12
C THR D 220 0.35 3.78 4.23
N LEU D 221 0.75 2.61 4.73
CA LEU D 221 0.60 1.40 3.96
C LEU D 221 -0.79 0.78 4.17
N SER D 222 -1.47 0.51 3.07
CA SER D 222 -2.79 -0.05 3.11
C SER D 222 -2.85 -1.33 2.29
N LEU D 223 -3.07 -2.46 2.95
CA LEU D 223 -3.14 -3.73 2.25
C LEU D 223 -4.22 -3.70 1.19
N LYS D 224 -3.97 -4.42 0.09
CA LYS D 224 -4.91 -4.48 -1.02
C LYS D 224 -6.14 -5.30 -0.68
N LEU D 225 -5.94 -6.39 0.02
CA LEU D 225 -7.02 -7.29 0.41
C LEU D 225 -7.95 -6.69 1.44
N LYS D 226 -7.38 -6.09 2.47
CA LYS D 226 -8.15 -5.48 3.55
C LYS D 226 -8.84 -4.18 3.16
N PHE D 227 -8.21 -3.39 2.31
CA PHE D 227 -8.79 -2.13 1.88
C PHE D 227 -8.82 -2.01 0.34
N PRO D 228 -9.61 -2.85 -0.34
CA PRO D 228 -9.68 -2.81 -1.79
C PRO D 228 -10.54 -1.69 -2.34
N HIS D 229 -11.06 -0.82 -1.46
CA HIS D 229 -11.91 0.27 -1.89
C HIS D 229 -11.25 1.63 -1.95
N VAL D 230 -9.97 1.70 -1.64
CA VAL D 230 -9.28 2.97 -1.68
C VAL D 230 -9.21 3.50 -3.11
N ARG D 231 -9.61 4.75 -3.29
CA ARG D 231 -9.61 5.36 -4.62
C ARG D 231 -9.03 6.77 -4.60
N THR D 232 -8.24 7.10 -5.61
CA THR D 232 -7.65 8.43 -5.69
C THR D 232 -8.73 9.50 -5.79
N GLY D 233 -8.46 10.64 -5.18
CA GLY D 233 -9.38 11.78 -5.21
C GLY D 233 -10.52 11.65 -4.21
N GLU D 234 -10.65 10.47 -3.61
CA GLU D 234 -11.70 10.21 -2.63
C GLU D 234 -11.29 10.60 -1.21
N VAL D 235 -12.30 10.79 -0.36
CA VAL D 235 -12.07 11.19 1.02
C VAL D 235 -12.41 10.02 1.93
N VAL D 236 -11.54 9.76 2.88
CA VAL D 236 -11.76 8.64 3.81
C VAL D 236 -11.51 9.03 5.28
N ARG D 237 -11.98 8.17 6.19
CA ARG D 237 -11.77 8.40 7.61
C ARG D 237 -10.95 7.23 8.07
N ILE D 238 -9.78 7.50 8.65
CA ILE D 238 -8.95 6.42 9.12
C ILE D 238 -9.15 6.25 10.63
N ARG D 239 -9.72 5.12 11.03
CA ARG D 239 -9.92 4.84 12.44
C ARG D 239 -8.68 4.23 13.06
N SER D 240 -8.07 4.95 13.99
CA SER D 240 -6.88 4.53 14.72
C SER D 240 -5.62 4.48 13.92
N ALA D 241 -4.84 5.55 14.02
CA ALA D 241 -3.57 5.66 13.32
C ALA D 241 -2.53 6.21 14.32
N THR D 242 -1.25 5.94 14.06
CA THR D 242 -0.18 6.42 14.93
C THR D 242 0.92 7.09 14.12
N TYR D 243 1.49 8.15 14.66
CA TYR D 243 2.58 8.89 14.00
C TYR D 243 3.85 8.06 14.10
N ASP D 244 4.51 7.83 12.98
CA ASP D 244 5.73 7.03 12.95
C ASP D 244 6.96 7.90 13.20
N GLU D 245 7.47 7.87 14.44
CA GLU D 245 8.62 8.71 14.80
C GLU D 245 9.87 8.27 14.09
N THR D 246 9.88 7.04 13.57
CA THR D 246 11.05 6.51 12.90
C THR D 246 11.13 6.79 11.40
N SER D 247 10.22 7.58 10.88
CA SER D 247 10.27 7.92 9.47
C SER D 247 10.75 9.35 9.28
N THR D 248 11.99 9.47 8.78
CA THR D 248 12.58 10.80 8.59
C THR D 248 12.42 11.30 7.15
N GLN D 249 12.47 10.41 6.18
CA GLN D 249 12.36 10.79 4.78
C GLN D 249 10.99 11.27 4.37
N LYS D 250 9.96 10.83 5.11
CA LYS D 250 8.60 11.24 4.80
C LYS D 250 7.65 10.98 5.95
N LYS D 251 6.64 11.84 6.11
CA LYS D 251 5.67 11.72 7.18
C LYS D 251 4.87 10.45 6.95
N VAL D 252 4.87 9.56 7.95
CA VAL D 252 4.16 8.29 7.82
C VAL D 252 3.16 8.00 8.95
N LEU D 253 2.07 7.35 8.62
CA LEU D 253 1.04 6.98 9.60
C LEU D 253 1.05 5.46 9.70
N ILE D 254 1.06 4.95 10.93
CA ILE D 254 1.06 3.50 11.13
C ILE D 254 -0.35 3.01 11.48
N LEU D 255 -0.78 1.95 10.84
CA LEU D 255 -2.11 1.41 11.08
C LEU D 255 -1.99 0.07 11.76
N SER D 256 -3.03 -0.33 12.48
CA SER D 256 -3.04 -1.59 13.19
C SER D 256 -4.07 -2.51 12.58
N HIS D 257 -4.01 -3.79 12.94
CA HIS D 257 -4.97 -4.76 12.39
C HIS D 257 -6.42 -4.39 12.73
N TYR D 258 -6.61 -3.61 13.80
CA TYR D 258 -7.95 -3.22 14.15
C TYR D 258 -8.32 -1.86 13.52
N SER D 259 -7.36 -1.24 12.85
CA SER D 259 -7.58 0.06 12.22
C SER D 259 -8.45 -0.13 11.01
N ASN D 260 -9.15 0.93 10.58
CA ASN D 260 -10.07 0.83 9.44
C ASN D 260 -10.14 2.09 8.63
N ILE D 261 -10.15 1.94 7.32
CA ILE D 261 -10.22 3.08 6.41
C ILE D 261 -11.61 3.09 5.83
N ILE D 262 -12.37 4.12 6.16
CA ILE D 262 -13.75 4.23 5.74
C ILE D 262 -14.08 5.40 4.81
N THR D 263 -14.85 5.10 3.75
CA THR D 263 -15.27 6.12 2.81
C THR D 263 -16.64 6.66 3.25
N PHE D 264 -17.25 7.50 2.44
CA PHE D 264 -18.53 8.07 2.78
C PHE D 264 -19.57 7.86 1.69
N ILE D 265 -20.85 7.93 2.08
CA ILE D 265 -21.92 7.78 1.13
C ILE D 265 -22.05 9.07 0.30
N GLN D 266 -22.53 8.91 -0.94
CA GLN D 266 -22.68 10.00 -1.91
C GLN D 266 -23.15 11.34 -1.32
N SER D 267 -24.21 11.30 -0.52
CA SER D 267 -24.78 12.50 0.07
C SER D 267 -23.95 13.18 1.17
N SER D 268 -22.74 12.70 1.42
CA SER D 268 -21.90 13.23 2.49
C SER D 268 -21.45 14.66 2.27
N LYS D 269 -21.87 15.54 3.17
CA LYS D 269 -21.52 16.95 3.09
C LYS D 269 -20.01 17.11 3.29
N LEU D 270 -19.49 16.41 4.29
CA LEU D 270 -18.07 16.48 4.60
C LEU D 270 -17.21 15.99 3.43
N ALA D 271 -17.55 14.82 2.89
CA ALA D 271 -16.82 14.23 1.78
C ALA D 271 -16.78 15.18 0.58
N LYS D 272 -17.95 15.72 0.22
CA LYS D 272 -18.05 16.63 -0.91
C LYS D 272 -17.14 17.85 -0.70
N GLU D 273 -17.31 18.54 0.42
CA GLU D 273 -16.49 19.70 0.72
C GLU D 273 -15.00 19.42 0.67
N LEU D 274 -14.56 18.37 1.35
CA LEU D 274 -13.14 18.03 1.38
C LEU D 274 -12.62 17.60 0.03
N ARG D 275 -13.48 16.98 -0.78
CA ARG D 275 -13.05 16.55 -2.12
C ARG D 275 -12.67 17.76 -2.97
N ALA D 276 -13.48 18.81 -2.90
CA ALA D 276 -13.23 20.02 -3.67
C ALA D 276 -12.27 20.97 -2.97
N LYS D 277 -12.21 20.87 -1.65
CA LYS D 277 -11.36 21.75 -0.88
C LYS D 277 -9.89 21.32 -0.90
N ILE D 278 -9.64 20.05 -0.58
CA ILE D 278 -8.26 19.56 -0.53
C ILE D 278 -7.74 19.27 -1.95
N GLN D 279 -6.87 20.15 -2.43
CA GLN D 279 -6.34 19.96 -3.77
C GLN D 279 -5.00 19.25 -3.80
N ASP D 280 -4.70 18.69 -4.97
CA ASP D 280 -3.47 17.92 -5.17
C ASP D 280 -2.25 18.64 -4.69
N ASP D 281 -1.22 17.89 -4.36
CA ASP D 281 0.00 18.48 -3.86
C ASP D 281 1.15 17.74 -4.51
N HIS D 282 2.18 18.50 -4.93
CA HIS D 282 3.35 17.93 -5.57
C HIS D 282 4.63 18.42 -4.90
N SER D 283 4.46 19.14 -3.81
CA SER D 283 5.60 19.70 -3.08
C SER D 283 6.58 18.61 -2.71
N VAL D 284 6.08 17.50 -2.18
CA VAL D 284 6.95 16.39 -1.79
C VAL D 284 7.78 15.91 -2.98
N GLU D 285 7.10 15.68 -4.10
CA GLU D 285 7.74 15.23 -5.33
C GLU D 285 8.80 16.25 -5.80
N VAL D 286 8.36 17.50 -6.03
CA VAL D 286 9.26 18.55 -6.48
C VAL D 286 10.54 18.59 -5.63
N ALA D 287 10.38 18.48 -4.33
CA ALA D 287 11.51 18.54 -3.42
C ALA D 287 12.37 17.29 -3.52
N SER D 288 11.75 16.15 -3.68
CA SER D 288 12.46 14.89 -3.75
C SER D 288 13.32 14.78 -4.99
N LEU D 289 12.93 15.51 -6.03
CA LEU D 289 13.68 15.50 -7.28
C LEU D 289 15.03 16.23 -7.18
N LYS D 290 15.33 16.76 -6.01
CA LYS D 290 16.58 17.47 -5.79
C LYS D 290 17.58 16.59 -5.03
N LYS D 291 17.09 15.47 -4.52
CA LYS D 291 17.94 14.54 -3.77
C LYS D 291 18.40 13.38 -4.64
N ASN D 292 19.57 12.84 -4.32
CA ASN D 292 20.12 11.71 -5.06
C ASN D 292 19.17 10.55 -5.04
N VAL D 293 18.78 10.13 -3.84
CA VAL D 293 17.85 9.00 -3.67
C VAL D 293 16.63 9.43 -2.88
N SER D 294 15.47 9.35 -3.51
CA SER D 294 14.23 9.74 -2.86
C SER D 294 13.42 8.55 -2.39
N LEU D 295 13.18 8.45 -1.09
CA LEU D 295 12.38 7.35 -0.55
C LEU D 295 10.92 7.62 -0.78
N ASN D 296 10.63 8.71 -1.49
CA ASN D 296 9.26 9.11 -1.82
C ASN D 296 9.01 8.79 -3.27
N ALA D 297 7.90 8.11 -3.56
CA ALA D 297 7.55 7.74 -4.93
C ALA D 297 7.06 8.97 -5.68
N VAL D 298 7.42 9.06 -6.95
CA VAL D 298 7.01 10.21 -7.77
C VAL D 298 6.41 9.74 -9.09
N VAL D 299 5.14 10.08 -9.30
CA VAL D 299 4.46 9.72 -10.54
C VAL D 299 4.74 10.84 -11.52
N LEU D 300 5.68 10.61 -12.42
CA LEU D 300 6.11 11.60 -13.41
C LEU D 300 5.08 12.02 -14.48
N THR D 301 4.12 11.14 -14.78
CA THR D 301 3.16 11.47 -15.84
C THR D 301 1.72 11.53 -15.39
N GLU D 302 0.88 11.98 -16.31
CA GLU D 302 -0.55 12.13 -16.09
C GLU D 302 -1.25 11.83 -17.41
N VAL D 303 -2.27 10.97 -17.36
CA VAL D 303 -3.04 10.60 -18.56
C VAL D 303 -4.15 11.59 -18.84
N ASP D 304 -4.53 11.70 -20.10
CA ASP D 304 -5.60 12.63 -20.50
C ASP D 304 -6.86 12.39 -19.69
N LYS D 305 -7.62 13.46 -19.46
CA LYS D 305 -8.84 13.38 -18.65
C LYS D 305 -9.82 12.30 -19.11
N LYS D 306 -9.94 12.10 -20.42
CA LYS D 306 -10.86 11.13 -20.99
C LYS D 306 -10.58 9.71 -20.53
N HIS D 307 -9.38 9.47 -20.06
CA HIS D 307 -9.02 8.13 -19.59
C HIS D 307 -9.01 8.01 -18.07
N ALA D 308 -9.10 9.14 -17.38
CA ALA D 308 -9.09 9.16 -15.91
C ALA D 308 -9.93 8.04 -15.28
N ALA D 309 -11.04 7.69 -15.92
CA ALA D 309 -11.90 6.65 -15.40
C ALA D 309 -11.66 5.34 -16.13
N LEU D 310 -10.42 4.86 -16.09
CA LEU D 310 -10.08 3.60 -16.77
C LEU D 310 -9.26 2.75 -15.82
N PRO D 311 -9.63 1.46 -15.66
CA PRO D 311 -8.91 0.56 -14.75
C PRO D 311 -7.53 0.25 -15.30
N SER D 312 -6.54 0.18 -14.43
CA SER D 312 -5.17 -0.09 -14.86
C SER D 312 -4.87 -1.58 -14.97
N THR D 313 -4.01 -1.94 -15.90
CA THR D 313 -3.61 -3.34 -16.12
C THR D 313 -2.14 -3.46 -15.85
N SER D 314 -1.76 -4.48 -15.08
CA SER D 314 -0.36 -4.69 -14.72
C SER D 314 0.45 -5.27 -15.87
N LEU D 315 1.76 -5.05 -15.84
CA LEU D 315 2.63 -5.57 -16.88
C LEU D 315 2.47 -7.08 -16.99
N GLN D 316 2.22 -7.72 -15.84
CA GLN D 316 2.05 -9.17 -15.80
C GLN D 316 0.93 -9.57 -16.77
N ASP D 317 -0.24 -8.94 -16.63
CA ASP D 317 -1.35 -9.25 -17.51
C ASP D 317 -1.10 -8.77 -18.91
N LEU D 318 -0.45 -7.63 -19.01
CA LEU D 318 -0.14 -6.97 -20.27
C LEU D 318 0.80 -7.75 -21.16
N PHE D 319 1.80 -8.39 -20.56
CA PHE D 319 2.77 -9.16 -21.33
C PHE D 319 2.70 -10.68 -21.20
N HIS D 320 2.03 -11.18 -20.18
CA HIS D 320 1.96 -12.63 -20.01
C HIS D 320 0.55 -13.20 -20.15
N HIS D 321 -0.47 -12.35 -20.26
CA HIS D 321 -1.83 -12.86 -20.35
C HIS D 321 -2.67 -12.17 -21.42
N ALA D 322 -2.20 -11.04 -21.93
CA ALA D 322 -2.93 -10.29 -22.95
C ALA D 322 -3.29 -11.11 -24.21
N ASP D 323 -2.63 -12.24 -24.40
CA ASP D 323 -2.93 -13.08 -25.56
C ASP D 323 -3.64 -14.37 -25.21
N SER D 324 -3.84 -14.62 -23.91
CA SER D 324 -4.49 -15.84 -23.47
C SER D 324 -5.72 -15.59 -22.61
N ASP D 325 -5.86 -14.37 -22.12
CA ASP D 325 -7.00 -14.01 -21.29
C ASP D 325 -8.16 -13.54 -22.16
N LYS D 326 -9.33 -14.16 -21.98
CA LYS D 326 -10.52 -13.81 -22.73
C LYS D 326 -10.88 -12.32 -22.67
N GLU D 327 -10.86 -11.75 -21.48
CA GLU D 327 -11.23 -10.35 -21.31
C GLU D 327 -10.15 -9.36 -21.72
N LEU D 328 -8.91 -9.82 -21.82
CA LEU D 328 -7.80 -8.96 -22.19
C LEU D 328 -7.56 -8.95 -23.69
N GLN D 329 -8.39 -9.67 -24.44
CA GLN D 329 -8.26 -9.75 -25.90
C GLN D 329 -9.22 -8.82 -26.61
N ALA D 330 -10.30 -8.47 -25.94
CA ALA D 330 -11.32 -7.61 -26.53
C ALA D 330 -10.90 -6.13 -26.59
N GLN D 331 -9.91 -5.76 -25.76
CA GLN D 331 -9.46 -4.37 -25.73
C GLN D 331 -8.10 -4.22 -26.35
N ASP D 332 -7.83 -3.04 -26.89
CA ASP D 332 -6.52 -2.76 -27.50
C ASP D 332 -5.85 -1.60 -26.77
N THR D 333 -6.62 -0.95 -25.89
CA THR D 333 -6.10 0.16 -25.10
C THR D 333 -6.08 -0.22 -23.62
N PHE D 334 -5.01 0.15 -22.93
CA PHE D 334 -4.86 -0.17 -21.51
C PHE D 334 -4.14 0.95 -20.76
N ARG D 335 -4.38 1.02 -19.45
CA ARG D 335 -3.72 1.98 -18.59
C ARG D 335 -2.83 1.14 -17.67
N THR D 336 -1.64 1.63 -17.41
CA THR D 336 -0.73 0.87 -16.57
C THR D 336 0.29 1.79 -15.87
N GLN D 337 0.91 1.26 -14.81
CA GLN D 337 1.90 1.99 -14.06
C GLN D 337 3.17 1.16 -14.03
N PHE D 338 4.32 1.82 -14.14
CA PHE D 338 5.60 1.12 -14.15
C PHE D 338 6.76 2.10 -13.98
N TYR D 339 7.96 1.56 -13.78
CA TYR D 339 9.14 2.38 -13.66
C TYR D 339 10.11 1.97 -14.78
N VAL D 340 10.79 2.95 -15.35
CA VAL D 340 11.73 2.71 -16.43
C VAL D 340 13.12 2.31 -15.90
N THR D 341 13.59 1.13 -16.33
CA THR D 341 14.89 0.64 -15.93
C THR D 341 15.96 1.09 -16.88
N LYS D 342 15.57 1.35 -18.13
CA LYS D 342 16.53 1.77 -19.15
C LYS D 342 15.75 2.39 -20.31
N ILE D 343 16.41 3.33 -21.02
CA ILE D 343 15.79 3.99 -22.16
C ILE D 343 16.65 3.84 -23.40
N GLU D 344 16.06 3.38 -24.48
CA GLU D 344 16.80 3.20 -25.73
C GLU D 344 16.15 4.04 -26.83
N PRO D 345 16.98 4.56 -27.76
CA PRO D 345 18.42 4.41 -27.83
C PRO D 345 19.13 5.16 -26.72
N SER D 346 20.28 4.63 -26.29
CA SER D 346 21.06 5.23 -25.20
C SER D 346 21.33 6.69 -25.45
N ASP D 347 21.86 7.02 -26.62
CA ASP D 347 22.17 8.40 -26.98
C ASP D 347 20.87 9.20 -27.11
N VAL D 348 20.66 10.18 -26.22
CA VAL D 348 19.45 10.97 -26.23
C VAL D 348 19.26 11.69 -27.57
N LYS D 349 20.37 12.05 -28.21
CA LYS D 349 20.30 12.76 -29.48
C LYS D 349 19.62 11.93 -30.58
N GLU D 350 19.61 10.62 -30.41
CA GLU D 350 18.98 9.73 -31.36
C GLU D 350 17.51 9.43 -31.04
N TRP D 351 16.98 10.12 -30.04
CA TRP D 351 15.60 9.91 -29.66
C TRP D 351 14.67 10.34 -30.78
N VAL D 352 15.03 11.41 -31.47
CA VAL D 352 14.23 11.92 -32.56
C VAL D 352 14.90 11.51 -33.86
N LYS D 353 14.22 10.66 -34.64
CA LYS D 353 14.72 10.19 -35.92
C LYS D 353 13.96 10.82 -37.08
N GLY D 354 14.50 10.66 -38.28
CA GLY D 354 13.83 11.17 -39.46
C GLY D 354 13.01 10.03 -39.99
N TYR D 355 11.75 10.29 -40.33
CA TYR D 355 10.88 9.22 -40.79
C TYR D 355 10.30 9.45 -42.17
N ASP D 356 10.65 8.54 -43.08
CA ASP D 356 10.16 8.60 -44.45
C ASP D 356 8.90 7.76 -44.48
N ARG D 357 7.76 8.44 -44.45
CA ARG D 357 6.48 7.74 -44.48
C ARG D 357 6.28 6.71 -45.60
N LYS D 358 7.25 6.59 -46.51
CA LYS D 358 7.14 5.63 -47.60
C LYS D 358 7.73 4.29 -47.23
N THR D 359 9.06 4.20 -47.32
CA THR D 359 9.74 2.94 -47.00
C THR D 359 9.48 2.50 -45.56
N LYS D 360 8.73 3.32 -44.82
CA LYS D 360 8.42 3.03 -43.42
C LYS D 360 9.70 2.95 -42.60
N LYS D 361 10.82 3.37 -43.17
CA LYS D 361 12.11 3.33 -42.46
C LYS D 361 12.45 4.69 -41.86
N SER D 362 13.25 4.66 -40.80
CA SER D 362 13.66 5.88 -40.14
C SER D 362 15.19 5.89 -40.11
N SER D 363 15.77 7.07 -39.90
CA SER D 363 17.23 7.18 -39.86
C SER D 363 17.68 8.35 -38.99
N SER D 364 18.96 8.35 -38.63
CA SER D 364 19.55 9.40 -37.80
C SER D 364 19.54 10.76 -38.49
N LEU D 365 19.51 11.81 -37.69
CA LEU D 365 19.50 13.15 -38.25
C LEU D 365 20.88 13.76 -38.15
N LYS D 366 21.90 12.95 -37.87
CA LYS D 366 23.26 13.43 -37.77
C LYS D 366 23.77 13.76 -39.16
N GLY D 367 23.11 14.72 -39.81
CA GLY D 367 23.44 15.11 -41.16
C GLY D 367 22.25 15.71 -41.90
N ALA D 368 21.82 16.90 -41.49
CA ALA D 368 20.71 17.65 -42.11
C ALA D 368 19.28 17.11 -41.88
N SER D 369 18.32 17.90 -42.36
CA SER D 369 16.88 17.60 -42.20
C SER D 369 16.16 16.83 -43.33
N GLY D 370 16.89 16.41 -44.37
CA GLY D 370 16.25 15.72 -45.49
C GLY D 370 15.65 14.35 -45.17
N LYS D 371 16.27 13.63 -44.22
CA LYS D 371 15.82 12.29 -43.82
C LYS D 371 14.29 12.10 -43.77
N GLY D 372 13.53 13.19 -43.65
CA GLY D 372 12.07 13.08 -43.64
C GLY D 372 11.38 13.76 -42.48
N ASP D 373 10.23 13.23 -42.09
CA ASP D 373 9.47 13.77 -40.97
C ASP D 373 10.12 13.42 -39.64
N ASN D 374 10.28 14.41 -38.77
CA ASN D 374 10.86 14.18 -37.45
C ASN D 374 9.84 13.51 -36.50
N ILE D 375 10.26 12.38 -35.93
CA ILE D 375 9.39 11.67 -35.00
C ILE D 375 10.18 11.15 -33.80
N PHE D 376 9.48 10.77 -32.74
CA PHE D 376 10.13 10.21 -31.56
C PHE D 376 10.15 8.70 -31.70
N GLN D 377 11.33 8.12 -31.67
CA GLN D 377 11.47 6.67 -31.73
C GLN D 377 12.19 6.24 -30.45
N VAL D 378 11.43 6.19 -29.35
CA VAL D 378 11.99 5.84 -28.06
C VAL D 378 11.43 4.49 -27.57
N GLN D 379 12.30 3.68 -26.95
CA GLN D 379 11.90 2.38 -26.46
C GLN D 379 12.23 2.25 -24.97
N PHE D 380 11.19 2.15 -24.14
CA PHE D 380 11.38 2.05 -22.70
C PHE D 380 11.45 0.59 -22.27
N LEU D 381 12.34 0.34 -21.31
CA LEU D 381 12.48 -0.99 -20.74
C LEU D 381 11.91 -0.85 -19.34
N VAL D 382 10.66 -1.27 -19.16
CA VAL D 382 9.98 -1.12 -17.90
C VAL D 382 9.87 -2.35 -17.01
N LYS D 383 9.27 -2.14 -15.84
CA LYS D 383 9.07 -3.18 -14.83
C LYS D 383 8.07 -2.63 -13.80
N ASP D 384 7.36 -3.51 -13.10
CA ASP D 384 6.40 -3.07 -12.10
C ASP D 384 6.26 -4.05 -10.95
N ALA D 385 5.38 -3.70 -10.01
CA ALA D 385 5.17 -4.54 -8.82
C ALA D 385 4.85 -5.98 -9.14
N SER D 386 3.94 -6.17 -10.08
CA SER D 386 3.52 -7.51 -10.49
C SER D 386 4.63 -8.35 -11.10
N THR D 387 5.71 -7.69 -11.55
CA THR D 387 6.82 -8.41 -12.17
C THR D 387 8.13 -8.10 -11.46
N GLN D 388 8.01 -7.58 -10.24
CA GLN D 388 9.16 -7.20 -9.43
C GLN D 388 10.26 -8.25 -9.24
N LEU D 389 9.89 -9.50 -9.01
CA LEU D 389 10.88 -10.53 -8.76
C LEU D 389 11.41 -11.29 -9.97
N ASN D 390 10.73 -11.20 -11.12
CA ASN D 390 11.20 -11.95 -12.27
C ASN D 390 12.41 -11.33 -12.91
N ASN D 391 13.09 -12.11 -13.76
CA ASN D 391 14.31 -11.65 -14.44
C ASN D 391 13.99 -10.99 -15.78
N ASN D 392 12.84 -10.31 -15.83
CA ASN D 392 12.43 -9.63 -17.07
C ASN D 392 12.34 -8.11 -17.00
N THR D 393 12.33 -7.49 -18.17
CA THR D 393 12.19 -6.06 -18.31
C THR D 393 11.28 -6.01 -19.55
N TYR D 394 10.24 -5.19 -19.51
CA TYR D 394 9.30 -5.14 -20.61
C TYR D 394 9.40 -3.92 -21.48
N ARG D 395 9.26 -4.14 -22.78
CA ARG D 395 9.35 -3.06 -23.77
C ARG D 395 8.08 -2.29 -23.97
N VAL D 396 8.20 -0.97 -23.85
CA VAL D 396 7.09 -0.04 -24.02
C VAL D 396 7.67 1.08 -24.86
N LEU D 397 7.08 1.30 -26.02
CA LEU D 397 7.62 2.28 -26.96
C LEU D 397 6.83 3.58 -27.11
N LEU D 398 7.56 4.64 -27.48
CA LEU D 398 6.96 5.93 -27.71
C LEU D 398 7.35 6.27 -29.15
N TYR D 399 6.62 5.68 -30.10
CA TYR D 399 6.82 5.90 -31.52
C TYR D 399 5.72 6.84 -31.96
N THR D 400 6.06 8.12 -32.17
CA THR D 400 5.08 9.11 -32.53
C THR D 400 4.86 9.33 -34.01
N GLN D 401 5.41 8.49 -34.88
CA GLN D 401 5.25 8.72 -36.32
C GLN D 401 3.81 8.89 -36.74
N ASP D 402 2.90 8.19 -36.07
CA ASP D 402 1.47 8.28 -36.40
C ASP D 402 0.72 9.22 -35.46
N GLY D 403 1.47 9.91 -34.60
CA GLY D 403 0.85 10.88 -33.70
C GLY D 403 0.68 10.43 -32.27
N LEU D 404 0.65 9.12 -32.05
CA LEU D 404 0.47 8.60 -30.71
C LEU D 404 1.62 8.98 -29.76
N GLY D 405 1.26 9.67 -28.68
CA GLY D 405 2.23 10.08 -27.68
C GLY D 405 3.25 11.07 -28.17
N ALA D 406 2.85 11.92 -29.11
CA ALA D 406 3.75 12.90 -29.69
C ALA D 406 4.14 14.02 -28.72
N ASN D 407 3.41 14.16 -27.63
CA ASN D 407 3.70 15.21 -26.67
C ASN D 407 4.13 14.71 -25.31
N PHE D 408 4.42 13.41 -25.20
CA PHE D 408 4.80 12.81 -23.94
C PHE D 408 5.84 13.62 -23.21
N PHE D 409 6.82 14.13 -23.94
CA PHE D 409 7.90 14.88 -23.33
C PHE D 409 7.67 16.39 -23.27
N ASN D 410 6.53 16.85 -23.76
CA ASN D 410 6.24 18.28 -23.75
C ASN D 410 7.30 18.97 -24.60
N VAL D 411 7.80 18.23 -25.59
CA VAL D 411 8.81 18.72 -26.51
C VAL D 411 8.49 18.17 -27.89
N LYS D 412 8.15 19.06 -28.83
CA LYS D 412 7.86 18.65 -30.20
C LYS D 412 9.11 18.08 -30.84
N ALA D 413 8.96 16.97 -31.56
CA ALA D 413 10.10 16.31 -32.20
C ALA D 413 10.94 17.34 -32.95
N ASP D 414 12.26 17.22 -32.85
CA ASP D 414 13.15 18.16 -33.53
C ASP D 414 14.53 17.56 -33.57
N ASN D 415 15.35 18.05 -34.51
CA ASN D 415 16.72 17.55 -34.64
C ASN D 415 17.47 17.86 -33.35
N LEU D 416 17.55 16.87 -32.47
CA LEU D 416 18.23 17.06 -31.19
C LEU D 416 19.76 17.28 -31.37
N HIS D 417 20.27 17.03 -32.56
CA HIS D 417 21.70 17.23 -32.83
C HIS D 417 21.98 18.73 -33.00
N LYS D 418 20.97 19.49 -33.39
CA LYS D 418 21.10 20.92 -33.61
C LYS D 418 20.36 21.78 -32.58
N ASN D 419 19.18 21.36 -32.13
CA ASN D 419 18.41 22.12 -31.15
C ASN D 419 18.84 21.77 -29.73
N ALA D 420 19.73 22.58 -29.18
CA ALA D 420 20.26 22.37 -27.83
C ALA D 420 19.17 22.47 -26.75
N ASP D 421 18.24 23.39 -26.93
CA ASP D 421 17.17 23.56 -25.99
C ASP D 421 16.30 22.31 -25.85
N ALA D 422 16.04 21.64 -26.97
CA ALA D 422 15.22 20.44 -26.95
C ALA D 422 16.01 19.26 -26.36
N ARG D 423 17.23 19.06 -26.86
CA ARG D 423 18.09 17.96 -26.38
C ARG D 423 18.29 18.00 -24.87
N LYS D 424 18.50 19.19 -24.35
CA LYS D 424 18.72 19.39 -22.93
C LYS D 424 17.53 18.98 -22.08
N LYS D 425 16.34 19.40 -22.50
CA LYS D 425 15.10 19.08 -21.78
C LYS D 425 14.90 17.58 -21.73
N LEU D 426 15.17 16.91 -22.85
CA LEU D 426 15.02 15.46 -22.92
C LEU D 426 16.06 14.73 -22.06
N GLU D 427 17.30 15.23 -22.07
CA GLU D 427 18.35 14.60 -21.27
C GLU D 427 17.92 14.66 -19.79
N ASP D 428 17.26 15.75 -19.39
CA ASP D 428 16.81 15.90 -18.01
C ASP D 428 15.73 14.91 -17.71
N SER D 429 14.78 14.77 -18.63
CA SER D 429 13.69 13.82 -18.47
C SER D 429 14.24 12.40 -18.37
N ALA D 430 15.31 12.14 -19.11
CA ALA D 430 15.93 10.84 -19.10
C ALA D 430 16.44 10.51 -17.69
N GLU D 431 16.98 11.50 -17.00
CA GLU D 431 17.51 11.26 -15.67
C GLU D 431 16.40 10.98 -14.67
N LEU D 432 15.28 11.68 -14.83
CA LEU D 432 14.13 11.49 -13.95
C LEU D 432 13.49 10.12 -14.14
N LEU D 433 13.16 9.79 -15.39
CA LEU D 433 12.52 8.53 -15.73
C LEU D 433 13.29 7.29 -15.26
N THR D 434 14.61 7.38 -15.22
CA THR D 434 15.43 6.23 -14.81
C THR D 434 15.81 6.27 -13.33
N LYS D 435 15.51 7.38 -12.67
CA LYS D 435 15.82 7.54 -11.24
C LYS D 435 14.91 6.62 -10.40
N PHE D 436 15.45 6.03 -9.35
CA PHE D 436 14.67 5.17 -8.49
C PHE D 436 13.47 5.89 -7.93
N ASN D 437 12.41 5.12 -7.73
CA ASN D 437 11.15 5.64 -7.18
C ASN D 437 10.36 6.54 -8.14
N SER D 438 10.88 6.72 -9.34
CA SER D 438 10.16 7.49 -10.34
C SER D 438 9.24 6.52 -11.07
N TYR D 439 7.99 6.90 -11.28
CA TYR D 439 7.05 6.05 -11.97
C TYR D 439 6.34 6.74 -13.11
N VAL D 440 5.67 5.95 -13.93
CA VAL D 440 4.91 6.45 -15.09
C VAL D 440 3.53 5.89 -15.14
N ASP D 441 2.52 6.77 -15.10
CA ASP D 441 1.11 6.36 -15.18
C ASP D 441 0.77 6.68 -16.63
N ALA D 442 0.74 5.67 -17.48
CA ALA D 442 0.46 5.90 -18.89
C ALA D 442 -0.54 4.97 -19.53
N VAL D 443 -1.21 5.50 -20.54
CA VAL D 443 -2.18 4.75 -21.32
C VAL D 443 -1.41 4.24 -22.56
N VAL D 444 -1.68 3.01 -22.96
CA VAL D 444 -0.99 2.44 -24.11
C VAL D 444 -1.95 1.79 -25.09
N GLU D 445 -1.54 1.68 -26.34
CA GLU D 445 -2.35 1.04 -27.36
C GLU D 445 -1.60 -0.15 -27.90
N ARG D 446 -2.29 -1.28 -28.01
CA ARG D 446 -1.68 -2.51 -28.51
C ARG D 446 -1.66 -2.50 -30.03
N ARG D 447 -0.47 -2.42 -30.60
CA ARG D 447 -0.32 -2.41 -32.06
C ARG D 447 0.70 -3.47 -32.47
N ASN D 448 0.24 -4.48 -33.20
CA ASN D 448 1.08 -5.58 -33.66
C ASN D 448 1.99 -6.15 -32.57
N GLY D 449 1.37 -6.59 -31.48
CA GLY D 449 2.12 -7.17 -30.37
C GLY D 449 2.94 -6.20 -29.52
N PHE D 450 2.84 -4.91 -29.80
CA PHE D 450 3.60 -3.93 -29.01
C PHE D 450 2.67 -2.92 -28.35
N TYR D 451 3.21 -2.26 -27.31
CA TYR D 451 2.44 -1.27 -26.57
C TYR D 451 3.06 0.11 -26.70
N LEU D 452 2.40 0.98 -27.45
CA LEU D 452 2.88 2.32 -27.67
C LEU D 452 2.17 3.29 -26.77
N ILE D 453 2.92 4.17 -26.11
CA ILE D 453 2.33 5.17 -25.22
C ILE D 453 1.48 6.16 -25.97
N LYS D 454 0.38 6.59 -25.37
CA LYS D 454 -0.50 7.57 -26.00
C LYS D 454 -1.32 8.29 -24.94
N ASP D 455 -1.68 9.54 -25.21
CA ASP D 455 -2.46 10.33 -24.27
C ASP D 455 -1.81 10.38 -22.90
N THR D 456 -0.50 10.59 -22.86
CA THR D 456 0.22 10.66 -21.60
C THR D 456 1.25 11.79 -21.69
N LYS D 457 1.23 12.70 -20.71
CA LYS D 457 2.15 13.83 -20.68
C LYS D 457 2.96 13.90 -19.38
N LEU D 458 4.24 14.22 -19.51
CA LEU D 458 5.08 14.39 -18.35
C LEU D 458 4.54 15.62 -17.63
N ILE D 459 4.60 15.60 -16.30
CA ILE D 459 4.11 16.73 -15.52
C ILE D 459 5.23 17.35 -14.72
N TYR D 460 6.46 16.94 -15.03
CA TYR D 460 7.66 17.45 -14.39
C TYR D 460 8.72 17.72 -15.47
N GLN E 1 17.19 12.44 12.56
CA GLN E 1 18.03 11.29 13.04
C GLN E 1 17.18 10.05 13.36
N GLN E 2 17.64 8.89 12.89
CA GLN E 2 16.94 7.64 13.10
C GLN E 2 16.99 7.23 14.57
N GLN E 3 15.81 7.01 15.15
CA GLN E 3 15.69 6.62 16.54
C GLN E 3 15.72 5.12 16.72
N SER E 4 15.27 4.40 15.71
CA SER E 4 15.27 2.94 15.76
C SER E 4 16.63 2.35 15.43
N ALA E 5 17.23 1.67 16.39
CA ALA E 5 18.54 1.08 16.18
C ALA E 5 18.50 0.06 15.03
N PHE E 6 17.51 -0.82 15.03
CA PHE E 6 17.40 -1.84 14.01
C PHE E 6 17.25 -1.20 12.62
N LYS E 7 16.34 -0.23 12.50
CA LYS E 7 16.11 0.39 11.22
C LYS E 7 17.40 1.04 10.67
N GLN E 8 18.10 1.78 11.53
CA GLN E 8 19.32 2.44 11.12
C GLN E 8 20.38 1.42 10.72
N LEU E 9 20.49 0.36 11.51
CA LEU E 9 21.48 -0.67 11.23
C LEU E 9 21.21 -1.39 9.93
N TYR E 10 20.02 -1.97 9.84
CA TYR E 10 19.63 -2.69 8.63
C TYR E 10 19.64 -1.81 7.38
N THR E 11 19.34 -0.52 7.54
CA THR E 11 19.32 0.38 6.41
C THR E 11 20.74 0.65 5.93
N GLU E 12 21.65 0.89 6.87
CA GLU E 12 23.02 1.19 6.51
C GLU E 12 23.67 -0.01 5.86
N LEU E 13 23.25 -1.20 6.28
CA LEU E 13 23.82 -2.41 5.71
C LEU E 13 23.39 -2.51 4.25
N PHE E 14 22.10 -2.32 4.00
CA PHE E 14 21.56 -2.38 2.64
C PHE E 14 22.13 -1.28 1.75
N ASN E 15 22.23 -0.08 2.29
CA ASN E 15 22.77 1.03 1.52
C ASN E 15 24.24 0.83 1.18
N ASN E 16 24.91 -0.04 1.94
CA ASN E 16 26.32 -0.33 1.69
C ASN E 16 26.49 -1.73 1.12
N GLU E 17 25.69 -2.03 0.11
CA GLU E 17 25.72 -3.33 -0.59
C GLU E 17 25.94 -4.55 0.34
N GLY E 18 25.27 -4.54 1.49
CA GLY E 18 25.39 -5.64 2.43
C GLY E 18 26.78 -5.94 2.92
N ASP E 19 27.60 -4.89 3.04
CA ASP E 19 28.97 -5.04 3.53
C ASP E 19 29.03 -4.55 4.98
N PHE E 20 28.97 -5.47 5.93
CA PHE E 20 29.00 -5.12 7.33
C PHE E 20 30.22 -4.31 7.76
N SER E 21 31.20 -4.18 6.88
CA SER E 21 32.39 -3.42 7.22
C SER E 21 32.19 -1.94 6.90
N LYS E 22 31.58 -1.66 5.75
CA LYS E 22 31.34 -0.29 5.31
C LYS E 22 30.36 0.46 6.22
N VAL E 23 29.51 -0.28 6.94
CA VAL E 23 28.54 0.34 7.83
C VAL E 23 29.26 0.95 9.01
N SER E 24 28.76 2.10 9.47
CA SER E 24 29.35 2.81 10.59
C SER E 24 29.67 1.89 11.77
N SER E 25 30.88 2.01 12.30
CA SER E 25 31.32 1.20 13.42
C SER E 25 30.77 1.74 14.73
N ASN E 26 30.27 2.98 14.73
CA ASN E 26 29.71 3.60 15.92
C ASN E 26 28.42 2.94 16.35
N LEU E 27 27.86 2.10 15.49
CA LEU E 27 26.60 1.41 15.79
C LEU E 27 26.88 -0.04 16.19
N LYS E 28 28.14 -0.44 16.16
CA LYS E 28 28.53 -1.81 16.49
C LYS E 28 28.67 -2.02 18.00
N LYS E 29 27.94 -1.22 18.78
CA LYS E 29 27.96 -1.32 20.23
C LYS E 29 26.89 -2.29 20.69
N PRO E 30 27.01 -2.79 21.92
CA PRO E 30 26.02 -3.74 22.47
C PRO E 30 24.57 -3.27 22.26
N LEU E 31 23.67 -4.24 22.11
CA LEU E 31 22.26 -3.92 21.87
C LEU E 31 21.33 -4.51 22.92
N LYS E 32 20.75 -3.63 23.73
CA LYS E 32 19.82 -4.06 24.77
C LYS E 32 18.42 -3.94 24.16
N CYS E 33 17.71 -5.07 24.07
CA CYS E 33 16.38 -5.06 23.49
C CYS E 33 15.39 -6.01 24.13
N TYR E 34 14.14 -5.56 24.22
CA TYR E 34 13.04 -6.33 24.80
C TYR E 34 12.74 -7.55 23.94
N VAL E 35 12.15 -8.57 24.54
CA VAL E 35 11.78 -9.79 23.83
C VAL E 35 10.26 -9.92 23.75
N LYS E 36 9.72 -9.59 22.57
CA LYS E 36 8.29 -9.67 22.33
C LYS E 36 7.80 -11.11 22.39
N GLU E 37 8.47 -11.99 21.65
CA GLU E 37 8.12 -13.40 21.59
C GLU E 37 9.40 -14.23 21.65
N SER E 38 9.25 -15.54 21.85
CA SER E 38 10.42 -16.42 21.93
C SER E 38 10.13 -17.78 21.30
N TYR E 39 8.86 -18.04 20.99
CA TYR E 39 8.47 -19.30 20.36
C TYR E 39 7.00 -19.21 19.93
N PRO E 40 6.66 -19.76 18.74
CA PRO E 40 7.54 -20.46 17.79
C PRO E 40 8.53 -19.54 17.07
N HIS E 41 8.48 -18.25 17.39
CA HIS E 41 9.37 -17.27 16.77
C HIS E 41 10.01 -16.36 17.80
N PHE E 42 11.34 -16.35 17.83
CA PHE E 42 12.05 -15.52 18.78
C PHE E 42 12.20 -14.14 18.15
N LEU E 43 11.57 -13.13 18.73
CA LEU E 43 11.64 -11.78 18.18
C LEU E 43 11.96 -10.76 19.25
N VAL E 44 12.86 -9.84 18.93
CA VAL E 44 13.27 -8.78 19.85
C VAL E 44 12.94 -7.42 19.25
N THR E 45 12.76 -6.41 20.10
CA THR E 45 12.45 -5.08 19.66
C THR E 45 13.38 -4.04 20.22
N ASP E 46 13.74 -3.07 19.39
CA ASP E 46 14.63 -2.00 19.80
C ASP E 46 13.79 -0.81 20.27
N GLY E 47 12.54 -1.11 20.66
CA GLY E 47 11.66 -0.06 21.11
C GLY E 47 10.71 0.42 20.02
N TYR E 48 10.98 0.00 18.78
CA TYR E 48 10.14 0.38 17.65
C TYR E 48 9.75 -0.78 16.74
N PHE E 49 10.76 -1.53 16.28
CA PHE E 49 10.50 -2.65 15.39
C PHE E 49 11.00 -3.93 16.00
N PHE E 50 10.43 -5.04 15.57
CA PHE E 50 10.88 -6.34 16.04
C PHE E 50 11.65 -7.08 14.93
N VAL E 51 12.74 -7.75 15.30
CA VAL E 51 13.56 -8.49 14.35
C VAL E 51 13.89 -9.83 14.94
N ALA E 52 14.09 -10.82 14.07
CA ALA E 52 14.40 -12.15 14.52
C ALA E 52 15.91 -12.41 14.47
N PRO E 53 16.57 -12.44 15.65
CA PRO E 53 18.02 -12.69 15.72
C PRO E 53 18.32 -14.17 15.52
N TYR E 54 19.32 -14.46 14.69
CA TYR E 54 19.69 -15.84 14.40
C TYR E 54 20.86 -16.25 15.30
N PHE E 55 20.59 -17.17 16.23
CA PHE E 55 21.61 -17.65 17.16
C PHE E 55 22.54 -18.71 16.59
N THR E 56 23.84 -18.53 16.84
CA THR E 56 24.84 -19.46 16.35
C THR E 56 24.92 -20.57 17.39
N LYS E 57 25.51 -21.71 17.01
CA LYS E 57 25.63 -22.84 17.94
C LYS E 57 26.45 -22.41 19.16
N GLU E 58 27.36 -21.47 18.96
CA GLU E 58 28.23 -20.98 20.05
C GLU E 58 27.40 -20.20 21.06
N ALA E 59 26.64 -19.22 20.56
CA ALA E 59 25.80 -18.38 21.41
C ALA E 59 24.90 -19.19 22.36
N VAL E 60 24.01 -20.01 21.79
CA VAL E 60 23.09 -20.80 22.60
C VAL E 60 23.82 -21.62 23.66
N ASN E 61 25.07 -21.99 23.39
CA ASN E 61 25.85 -22.77 24.34
C ASN E 61 26.39 -21.88 25.46
N GLU E 62 27.13 -20.85 25.07
CA GLU E 62 27.71 -19.90 26.02
C GLU E 62 26.61 -19.44 26.98
N PHE E 63 25.43 -19.19 26.42
CA PHE E 63 24.28 -18.74 27.17
C PHE E 63 23.97 -19.74 28.27
N HIS E 64 23.81 -21.00 27.89
CA HIS E 64 23.50 -22.07 28.82
C HIS E 64 24.55 -22.19 29.92
N ALA E 65 25.82 -22.00 29.57
CA ALA E 65 26.90 -22.08 30.53
C ALA E 65 26.68 -21.15 31.71
N LYS E 66 26.78 -19.85 31.49
CA LYS E 66 26.60 -18.88 32.56
C LYS E 66 25.15 -18.85 33.06
N PHE E 67 24.25 -19.52 32.34
CA PHE E 67 22.83 -19.55 32.72
C PHE E 67 22.17 -20.88 32.39
N PRO E 68 22.42 -21.90 33.24
CA PRO E 68 21.86 -23.25 33.05
C PRO E 68 20.36 -23.30 33.29
N ASN E 69 19.93 -22.65 34.37
CA ASN E 69 18.51 -22.62 34.70
C ASN E 69 17.66 -21.81 33.71
N VAL E 70 18.31 -20.95 32.93
CA VAL E 70 17.60 -20.10 31.97
C VAL E 70 17.27 -20.77 30.64
N ASN E 71 15.97 -20.84 30.33
CA ASN E 71 15.51 -21.40 29.06
C ASN E 71 15.30 -20.27 28.07
N ILE E 72 16.02 -20.31 26.96
CA ILE E 72 15.94 -19.27 25.95
C ILE E 72 14.55 -19.17 25.33
N VAL E 73 13.94 -20.32 25.07
CA VAL E 73 12.63 -20.36 24.46
C VAL E 73 11.52 -19.90 25.41
N ASP E 74 11.91 -19.27 26.51
CA ASP E 74 10.95 -18.77 27.49
C ASP E 74 11.29 -17.36 27.95
N LEU E 75 12.17 -16.70 27.22
CA LEU E 75 12.58 -15.35 27.56
C LEU E 75 11.53 -14.28 27.28
N THR E 76 10.40 -14.68 26.70
CA THR E 76 9.33 -13.74 26.37
C THR E 76 9.10 -12.79 27.53
N ASP E 77 8.89 -11.51 27.20
CA ASP E 77 8.62 -10.47 28.19
C ASP E 77 9.87 -10.05 28.94
N LYS E 78 10.91 -10.86 28.84
CA LYS E 78 12.20 -10.57 29.49
C LYS E 78 13.14 -9.94 28.46
N VAL E 79 13.98 -9.02 28.92
CA VAL E 79 14.92 -8.36 28.01
C VAL E 79 16.28 -9.06 27.99
N ILE E 80 16.97 -8.97 26.85
CA ILE E 80 18.28 -9.58 26.69
C ILE E 80 19.28 -8.57 26.16
N VAL E 81 20.56 -8.88 26.34
CA VAL E 81 21.62 -7.98 25.86
C VAL E 81 22.57 -8.73 24.94
N ILE E 82 22.87 -8.13 23.79
CA ILE E 82 23.77 -8.76 22.82
C ILE E 82 25.07 -7.95 22.76
N ASN E 83 26.17 -8.60 23.15
CA ASN E 83 27.48 -7.97 23.17
C ASN E 83 28.33 -8.32 21.97
N ASN E 84 28.01 -9.42 21.29
CA ASN E 84 28.77 -9.84 20.14
C ASN E 84 27.81 -10.21 19.01
N TRP E 85 27.58 -9.27 18.10
CA TRP E 85 26.66 -9.47 16.96
C TRP E 85 27.23 -8.93 15.64
N SER E 86 26.68 -9.43 14.54
CA SER E 86 27.10 -9.02 13.19
C SER E 86 25.92 -9.16 12.22
N LEU E 87 25.71 -8.14 11.38
CA LEU E 87 24.61 -8.16 10.43
C LEU E 87 25.12 -8.65 9.08
N GLU E 88 24.40 -9.59 8.48
CA GLU E 88 24.79 -10.10 7.16
C GLU E 88 23.56 -10.27 6.26
N LEU E 89 23.76 -10.00 4.97
CA LEU E 89 22.70 -10.12 3.99
C LEU E 89 22.50 -11.56 3.52
N ARG E 90 21.26 -11.90 3.21
CA ARG E 90 20.93 -13.25 2.77
C ARG E 90 19.73 -13.25 1.82
N ARG E 91 19.81 -14.06 0.77
CA ARG E 91 18.74 -14.13 -0.20
C ARG E 91 17.84 -15.23 0.29
N VAL E 92 16.55 -14.93 0.45
CA VAL E 92 15.57 -15.90 0.93
C VAL E 92 14.29 -15.88 0.12
N ASN E 93 13.29 -16.61 0.60
CA ASN E 93 11.99 -16.68 -0.02
C ASN E 93 10.99 -15.98 0.90
N SER E 94 10.70 -14.71 0.59
CA SER E 94 9.79 -13.93 1.44
C SER E 94 8.39 -14.52 1.54
N ALA E 95 8.08 -15.47 0.65
CA ALA E 95 6.76 -16.07 0.67
C ALA E 95 6.63 -17.02 1.87
N GLU E 96 7.76 -17.33 2.50
CA GLU E 96 7.78 -18.23 3.64
C GLU E 96 8.36 -17.53 4.86
N VAL E 97 9.49 -16.83 4.67
CA VAL E 97 10.13 -16.08 5.75
C VAL E 97 9.50 -14.68 5.88
N PHE E 98 8.67 -14.47 6.90
CA PHE E 98 8.03 -13.18 7.07
C PHE E 98 8.96 -12.08 7.59
N THR E 99 10.20 -12.45 7.89
CA THR E 99 11.16 -11.48 8.38
C THR E 99 12.08 -11.11 7.23
N SER E 100 11.49 -10.89 6.06
CA SER E 100 12.24 -10.50 4.88
C SER E 100 11.36 -9.72 3.92
N TYR E 101 11.93 -9.30 2.79
CA TYR E 101 11.14 -8.57 1.80
C TYR E 101 11.76 -8.68 0.43
N ALA E 102 10.93 -8.87 -0.60
CA ALA E 102 11.40 -9.01 -1.98
C ALA E 102 12.51 -10.07 -2.08
N ASN E 103 12.31 -11.18 -1.39
CA ASN E 103 13.27 -12.28 -1.38
C ASN E 103 14.67 -11.90 -0.88
N LEU E 104 14.72 -10.89 -0.02
CA LEU E 104 15.98 -10.44 0.56
C LEU E 104 15.80 -10.29 2.07
N GLU E 105 16.73 -10.87 2.82
CA GLU E 105 16.68 -10.78 4.27
C GLU E 105 17.99 -10.31 4.90
N ALA E 106 17.88 -9.30 5.76
CA ALA E 106 19.05 -8.79 6.48
C ALA E 106 19.00 -9.50 7.85
N ARG E 107 19.94 -10.40 8.10
CA ARG E 107 19.96 -11.15 9.35
C ARG E 107 20.89 -10.57 10.41
N LEU E 108 20.45 -10.71 11.67
CA LEU E 108 21.22 -10.26 12.82
C LEU E 108 21.79 -11.51 13.46
N ILE E 109 23.06 -11.80 13.16
CA ILE E 109 23.73 -12.98 13.69
C ILE E 109 24.27 -12.69 15.10
N VAL E 110 23.74 -13.39 16.09
CA VAL E 110 24.16 -13.19 17.47
C VAL E 110 25.18 -14.25 17.91
N HIS E 111 26.35 -13.78 18.35
CA HIS E 111 27.41 -14.67 18.80
C HIS E 111 27.32 -14.94 20.29
N SER E 112 26.78 -13.97 21.03
CA SER E 112 26.62 -14.11 22.48
C SER E 112 25.64 -13.08 23.06
N PHE E 113 24.77 -13.55 23.95
CA PHE E 113 23.80 -12.68 24.58
C PHE E 113 23.54 -13.07 26.05
N LYS E 114 23.29 -12.06 26.88
CA LYS E 114 23.02 -12.24 28.31
C LYS E 114 21.59 -11.87 28.66
N PRO E 115 20.93 -12.67 29.51
CA PRO E 115 19.55 -12.40 29.91
C PRO E 115 19.45 -11.47 31.11
N ASN E 116 19.09 -10.22 30.85
CA ASN E 116 18.91 -9.25 31.93
C ASN E 116 17.58 -9.54 32.64
N LEU E 117 17.59 -10.60 33.44
CA LEU E 117 16.43 -11.06 34.19
C LEU E 117 15.72 -9.99 35.02
N GLN E 118 14.39 -10.08 35.02
CA GLN E 118 13.52 -9.18 35.75
C GLN E 118 13.70 -7.68 35.47
N GLU E 119 14.74 -7.30 34.73
CA GLU E 119 14.94 -5.88 34.42
C GLU E 119 13.66 -5.41 33.73
N ARG E 120 13.09 -4.30 34.17
CA ARG E 120 11.87 -3.80 33.57
C ARG E 120 12.15 -2.66 32.60
N LEU E 121 11.99 -2.95 31.32
CA LEU E 121 12.24 -1.98 30.27
C LEU E 121 11.15 -0.92 30.17
N ASN E 122 11.45 0.16 29.43
CA ASN E 122 10.54 1.28 29.24
C ASN E 122 9.42 0.97 28.23
N PRO E 123 8.18 1.35 28.58
CA PRO E 123 7.02 1.12 27.71
C PRO E 123 7.13 1.97 26.45
N THR E 124 7.02 1.32 25.28
CA THR E 124 7.10 2.03 24.00
C THR E 124 5.96 1.68 23.08
N ARG E 125 5.98 2.26 21.88
CA ARG E 125 4.94 2.00 20.88
C ARG E 125 4.86 0.50 20.63
N TYR E 126 3.81 0.05 19.98
CA TYR E 126 3.68 -1.38 19.67
C TYR E 126 4.69 -1.73 18.59
N PRO E 127 5.57 -2.70 18.85
CA PRO E 127 6.59 -3.12 17.87
C PRO E 127 6.02 -3.70 16.59
N VAL E 128 6.68 -3.43 15.48
CA VAL E 128 6.24 -3.92 14.17
C VAL E 128 7.40 -4.55 13.39
N ASN E 129 7.05 -5.39 12.43
CA ASN E 129 8.03 -6.08 11.62
C ASN E 129 8.77 -5.05 10.78
N LEU E 130 10.06 -4.87 11.06
CA LEU E 130 10.85 -3.89 10.33
C LEU E 130 10.69 -4.12 8.83
N PHE E 131 10.44 -5.35 8.43
CA PHE E 131 10.30 -5.68 7.01
C PHE E 131 8.92 -5.36 6.45
N ARG E 132 8.13 -4.61 7.20
CA ARG E 132 6.82 -4.22 6.75
C ARG E 132 6.73 -2.68 6.84
N ASP E 133 7.86 -2.06 7.15
CA ASP E 133 7.97 -0.62 7.27
C ASP E 133 8.03 -0.01 5.87
N ASP E 134 7.26 1.05 5.66
CA ASP E 134 7.23 1.71 4.35
C ASP E 134 8.64 2.13 3.91
N GLU E 135 9.31 2.97 4.70
CA GLU E 135 10.66 3.45 4.37
C GLU E 135 11.67 2.33 4.19
N PHE E 136 11.67 1.33 5.06
CA PHE E 136 12.64 0.25 4.94
C PHE E 136 12.35 -0.59 3.70
N LYS E 137 11.08 -0.79 3.39
CA LYS E 137 10.71 -1.56 2.20
C LYS E 137 11.29 -0.83 0.99
N THR E 138 11.08 0.49 0.95
CA THR E 138 11.56 1.31 -0.16
C THR E 138 13.09 1.20 -0.26
N THR E 139 13.75 1.23 0.89
CA THR E 139 15.20 1.11 0.93
C THR E 139 15.62 -0.14 0.18
N ILE E 140 15.03 -1.28 0.53
CA ILE E 140 15.37 -2.52 -0.13
C ILE E 140 15.07 -2.40 -1.63
N GLN E 141 13.90 -1.86 -1.98
CA GLN E 141 13.54 -1.71 -3.39
C GLN E 141 14.62 -0.92 -4.10
N HIS E 142 15.17 0.09 -3.43
CA HIS E 142 16.22 0.90 -4.02
C HIS E 142 17.42 -0.01 -4.30
N PHE E 143 17.72 -0.85 -3.31
CA PHE E 143 18.80 -1.80 -3.42
C PHE E 143 18.65 -2.66 -4.68
N ARG E 144 17.46 -3.26 -4.86
CA ARG E 144 17.19 -4.12 -6.01
C ARG E 144 17.21 -3.33 -7.31
N HIS E 145 16.71 -2.09 -7.25
CA HIS E 145 16.63 -1.22 -8.42
C HIS E 145 18.02 -1.00 -8.98
N THR E 146 18.93 -0.56 -8.13
CA THR E 146 20.32 -0.34 -8.55
C THR E 146 20.91 -1.61 -9.18
N ALA E 147 20.75 -2.75 -8.51
CA ALA E 147 21.27 -4.01 -9.02
C ALA E 147 20.64 -4.39 -10.36
N LEU E 148 19.34 -4.08 -10.50
CA LEU E 148 18.59 -4.40 -11.71
C LEU E 148 19.00 -3.49 -12.86
N GLN E 149 19.18 -2.21 -12.56
CA GLN E 149 19.54 -1.22 -13.55
C GLN E 149 20.92 -1.51 -14.12
N ALA E 150 21.88 -1.82 -13.24
CA ALA E 150 23.25 -2.16 -13.67
C ALA E 150 23.25 -3.46 -14.49
N ALA E 151 22.53 -4.46 -14.01
CA ALA E 151 22.44 -5.74 -14.69
C ALA E 151 21.93 -5.58 -16.12
N ILE E 152 20.88 -4.75 -16.27
CA ILE E 152 20.28 -4.54 -17.60
C ILE E 152 21.22 -3.75 -18.52
N ASN E 153 21.90 -2.76 -17.96
CA ASN E 153 22.83 -1.98 -18.76
C ASN E 153 24.06 -2.77 -19.18
N LYS E 154 24.25 -3.94 -18.58
CA LYS E 154 25.40 -4.77 -18.87
C LYS E 154 25.00 -5.86 -19.86
N THR E 155 23.72 -6.25 -19.81
CA THR E 155 23.19 -7.28 -20.69
C THR E 155 22.62 -6.74 -21.97
N VAL E 156 21.89 -5.62 -21.85
CA VAL E 156 21.28 -4.99 -23.02
C VAL E 156 22.25 -4.05 -23.73
N LYS E 157 22.55 -4.36 -24.99
CA LYS E 157 23.49 -3.56 -25.77
C LYS E 157 23.12 -3.50 -27.24
N GLY E 158 23.67 -2.50 -27.94
CA GLY E 158 23.40 -2.36 -29.35
C GLY E 158 22.12 -1.62 -29.75
N ASP E 159 21.53 -0.89 -28.80
CA ASP E 159 20.28 -0.15 -29.08
C ASP E 159 19.35 -0.90 -30.04
N ASN E 160 19.12 -2.19 -29.78
CA ASN E 160 18.25 -2.97 -30.61
C ASN E 160 16.81 -2.50 -30.48
N LEU E 161 16.54 -1.35 -31.09
CA LEU E 161 15.22 -0.75 -31.05
C LEU E 161 14.23 -1.51 -31.90
N VAL E 162 12.99 -1.62 -31.44
CA VAL E 162 11.97 -2.32 -32.22
C VAL E 162 11.87 -1.62 -33.56
N ASP E 163 11.96 -2.37 -34.64
CA ASP E 163 11.87 -1.79 -35.97
C ASP E 163 10.55 -1.04 -36.13
N ILE E 164 10.64 0.24 -36.47
CA ILE E 164 9.45 1.07 -36.60
C ILE E 164 8.44 0.59 -37.63
N SER E 165 8.91 0.00 -38.71
CA SER E 165 8.00 -0.51 -39.74
C SER E 165 7.02 -1.54 -39.20
N LYS E 166 7.31 -2.11 -38.04
CA LYS E 166 6.43 -3.10 -37.42
C LYS E 166 5.24 -2.47 -36.72
N VAL E 167 5.37 -1.22 -36.30
CA VAL E 167 4.26 -0.55 -35.60
C VAL E 167 3.62 0.50 -36.47
N ALA E 168 4.36 0.95 -37.48
CA ALA E 168 3.85 1.96 -38.42
C ALA E 168 3.03 1.21 -39.46
N ASP E 169 1.84 1.70 -39.76
CA ASP E 169 0.99 1.05 -40.73
C ASP E 169 0.92 -0.44 -40.42
N ALA E 170 0.21 -0.75 -39.34
CA ALA E 170 0.09 -2.14 -38.89
C ALA E 170 -1.37 -2.56 -38.82
N ALA E 171 -2.12 -2.19 -39.84
CA ALA E 171 -3.55 -2.53 -39.89
C ALA E 171 -3.73 -4.04 -40.08
N GLY E 172 -2.98 -4.61 -41.02
CA GLY E 172 -3.08 -6.02 -41.28
C GLY E 172 -1.99 -6.77 -40.55
N LYS E 173 -1.45 -6.12 -39.52
CA LYS E 173 -0.39 -6.74 -38.73
C LYS E 173 -0.87 -7.15 -37.33
N LYS E 174 -0.61 -8.41 -36.98
CA LYS E 174 -1.00 -8.94 -35.69
C LYS E 174 0.24 -9.49 -35.00
N GLY E 175 0.34 -9.28 -33.68
CA GLY E 175 1.50 -9.78 -32.97
C GLY E 175 1.21 -10.24 -31.56
N LYS E 176 2.12 -11.05 -31.02
CA LYS E 176 1.99 -11.56 -29.66
C LYS E 176 2.73 -10.64 -28.68
N VAL E 177 2.01 -10.15 -27.67
CA VAL E 177 2.58 -9.21 -26.70
C VAL E 177 3.86 -9.69 -26.03
N ASP E 178 4.03 -10.98 -25.92
CA ASP E 178 5.23 -11.50 -25.26
C ASP E 178 6.48 -11.25 -26.12
N ALA E 179 6.28 -10.46 -27.17
CA ALA E 179 7.38 -10.12 -28.04
C ALA E 179 8.12 -8.91 -27.47
N GLY E 180 7.66 -8.43 -26.32
CA GLY E 180 8.25 -7.28 -25.69
C GLY E 180 9.01 -7.60 -24.45
N ILE E 181 9.02 -8.88 -24.09
CA ILE E 181 9.72 -9.31 -22.89
C ILE E 181 11.21 -9.38 -23.14
N VAL E 182 12.00 -8.89 -22.17
CA VAL E 182 13.45 -8.86 -22.31
C VAL E 182 14.12 -9.37 -21.05
N LYS E 183 15.06 -10.29 -21.22
CA LYS E 183 15.79 -10.87 -20.08
C LYS E 183 16.78 -9.85 -19.53
N ALA E 184 16.69 -9.61 -18.22
CA ALA E 184 17.57 -8.65 -17.56
C ALA E 184 19.03 -9.08 -17.49
N SER E 185 19.28 -10.29 -17.01
CA SER E 185 20.64 -10.81 -16.89
C SER E 185 20.74 -12.25 -17.33
N ALA E 186 21.83 -12.89 -16.89
CA ALA E 186 22.06 -14.29 -17.23
C ALA E 186 21.42 -15.21 -16.19
N SER E 187 20.84 -14.62 -15.16
CA SER E 187 20.21 -15.39 -14.09
C SER E 187 19.58 -16.67 -14.63
N LYS E 188 19.72 -17.74 -13.85
CA LYS E 188 19.17 -19.03 -14.19
C LYS E 188 17.66 -19.05 -14.42
N GLY E 189 16.89 -19.13 -13.33
CA GLY E 189 15.45 -19.19 -13.43
C GLY E 189 14.75 -17.92 -13.83
N ASP E 190 13.44 -17.89 -13.62
CA ASP E 190 12.64 -16.74 -13.94
C ASP E 190 12.81 -15.63 -12.89
N GLU E 191 13.66 -15.86 -11.90
CA GLU E 191 13.86 -14.90 -10.82
C GLU E 191 15.16 -14.14 -11.03
N PHE E 192 15.12 -12.84 -10.81
CA PHE E 192 16.30 -12.00 -10.99
C PHE E 192 17.22 -12.23 -9.80
N SER E 193 18.47 -12.58 -10.06
CA SER E 193 19.40 -12.84 -8.98
C SER E 193 20.81 -12.33 -9.28
N ASP E 194 20.92 -11.34 -10.17
CA ASP E 194 22.22 -10.80 -10.51
C ASP E 194 22.65 -9.70 -9.54
N PHE E 195 22.82 -10.05 -8.27
CA PHE E 195 23.23 -9.05 -7.29
C PHE E 195 24.77 -9.06 -7.16
N SER E 196 25.33 -7.98 -6.64
CA SER E 196 26.77 -7.89 -6.50
C SER E 196 27.25 -8.07 -5.06
N PHE E 197 26.38 -7.87 -4.10
CA PHE E 197 26.76 -8.03 -2.69
C PHE E 197 27.18 -9.49 -2.47
N LYS E 198 28.28 -9.72 -1.78
CA LYS E 198 28.69 -11.11 -1.56
C LYS E 198 27.82 -11.69 -0.45
N GLU E 199 26.86 -12.52 -0.86
CA GLU E 199 25.90 -13.13 0.07
C GLU E 199 26.61 -13.87 1.17
N GLY E 200 26.55 -13.32 2.38
CA GLY E 200 27.19 -13.97 3.50
C GLY E 200 26.43 -15.22 3.87
N ASN E 201 27.02 -16.04 4.74
CA ASN E 201 26.38 -17.27 5.19
C ASN E 201 27.10 -17.84 6.41
N THR E 202 26.37 -18.00 7.51
CA THR E 202 26.92 -18.54 8.74
C THR E 202 25.93 -19.51 9.36
N ALA E 203 26.42 -20.71 9.67
CA ALA E 203 25.59 -21.75 10.29
C ALA E 203 24.84 -21.15 11.49
N THR E 204 23.52 -21.13 11.41
CA THR E 204 22.70 -20.62 12.49
C THR E 204 21.69 -21.65 12.91
N LEU E 205 21.35 -21.64 14.19
CA LEU E 205 20.37 -22.58 14.72
C LEU E 205 18.90 -22.22 14.44
N LYS E 206 18.08 -23.24 14.22
CA LYS E 206 16.67 -23.01 13.97
C LYS E 206 16.03 -22.91 15.36
N ILE E 207 15.15 -21.94 15.55
CA ILE E 207 14.49 -21.73 16.83
C ILE E 207 13.85 -23.01 17.34
N ALA E 208 13.71 -24.01 16.49
CA ALA E 208 13.11 -25.27 16.90
C ALA E 208 14.10 -26.15 17.65
N ASP E 209 15.34 -26.20 17.18
CA ASP E 209 16.36 -27.00 17.82
C ASP E 209 16.68 -26.51 19.22
N ILE E 210 16.36 -25.25 19.48
CA ILE E 210 16.62 -24.67 20.80
C ILE E 210 15.44 -24.94 21.72
N PHE E 211 14.35 -25.42 21.13
CA PHE E 211 13.16 -25.76 21.89
C PHE E 211 13.34 -27.14 22.51
N VAL E 212 13.54 -28.13 21.64
CA VAL E 212 13.72 -29.51 22.09
C VAL E 212 14.97 -29.60 22.98
N GLN E 213 15.98 -28.79 22.64
CA GLN E 213 17.22 -28.79 23.40
C GLN E 213 17.00 -28.23 24.82
N GLU E 214 15.75 -27.96 25.17
CA GLU E 214 15.43 -27.42 26.49
C GLU E 214 14.14 -27.98 27.06
N LYS E 215 13.33 -28.60 26.20
CA LYS E 215 12.06 -29.20 26.63
C LYS E 215 11.49 -30.12 25.55
N GLY E 216 12.20 -31.21 25.28
CA GLY E 216 11.81 -32.18 24.26
C GLY E 216 10.36 -32.63 24.32
#